data_6A2L
#
_entry.id   6A2L
#
_cell.length_a   58.541
_cell.length_b   157.166
_cell.length_c   165.526
_cell.angle_alpha   90.000
_cell.angle_beta   90.000
_cell.angle_gamma   90.000
#
_symmetry.space_group_name_H-M   'P 21 21 21'
#
loop_
_entity.id
_entity.type
_entity.pdbx_description
1 polymer 'Bifunctional dihydrofolate reductase-thymidylate synthase'
2 non-polymer 5-(3-{3-[(2,4-diamino-6-ethylpyrimidin-5-yl)oxy]propoxy}phenyl)-6-ethylpyrimidine-2,4-diamine
3 non-polymer 'NADP NICOTINAMIDE-ADENINE-DINUCLEOTIDE PHOSPHATE'
4 non-polymer "2'-DEOXYURIDINE 5'-MONOPHOSPHATE"
5 water water
#
_entity_poly.entity_id   1
_entity_poly.type   'polypeptide(L)'
_entity_poly.pdbx_seq_one_letter_code
;MMEQVCDVFDIYAICACCKVESKNEGKKNEVFNNYTFRGLGNKGVLPWKCISLDMKYFRAVTTYVNESKYEKLKYKRCKY
LNKETVDNVNDMPNSKKLQNVVVMGRTNWESIPKKFKPLSNRINVILSRTLKKEDFDEDVYIINKVEDLIVLLGKLNYYK
CFILGGSVVYQEFLEKKLIKKIYFTRINSTYECDVFFPEINENEYQIISVSDVYTSNNTTLDFIIYKKTNNKMLNEQNCI
KGEEKNNDMPLKNDDKDTCHMKKLTEFYKNVDKYKINYENDDDDEEEDDFVYFNFNKEKEEKNKNSIHPNDFQIYNSLKY
KYHPEYQYLNIIYDIMMNGNKQSDRTGVGVLSKFGYIMKFDLSQYFPLLTTKKLFLRGIIEELLWFIRGETNGNTLLNKN
VRIWEANGTREFLDNRKLFHREVNDLGPIYGFQWRHFGAEYTNMYDNYENKGVDQLKNIINLIKNDPTSRRILLCAWNVK
DLDQMALPPCHILCQFYVFDGKLSCIMYQRSCDLGLGVPFNIASYSIFTHMIAQVCNLQPAQFIHVLGNAHVYNNHIDSL
KIQLNRIPYPFPTLKLNPDIKNIEDFTISDFTIQNYVHHEKISMDMAA
;
_entity_poly.pdbx_strand_id   A,B
#
loop_
_chem_comp.id
_chem_comp.type
_chem_comp.name
_chem_comp.formula
9QO non-polymer 5-(3-{3-[(2,4-diamino-6-ethylpyrimidin-5-yl)oxy]propoxy}phenyl)-6-ethylpyrimidine-2,4-diamine 'C21 H28 N8 O2'
NAP non-polymer 'NADP NICOTINAMIDE-ADENINE-DINUCLEOTIDE PHOSPHATE' 'C21 H28 N7 O17 P3'
UMP non-polymer '2'-DEOXYURIDINE 5'-MONOPHOSPHATE' 'C9 H13 N2 O8 P'
#
# COMPACT_ATOMS: atom_id res chain seq x y z
N MET A 1 -13.69 41.01 -5.62
CA MET A 1 -13.49 41.92 -6.78
C MET A 1 -13.26 41.13 -8.07
N MET A 2 -13.05 41.84 -9.19
CA MET A 2 -12.74 41.24 -10.51
C MET A 2 -11.30 40.68 -10.59
N GLU A 3 -11.22 39.35 -10.72
CA GLU A 3 -9.98 38.56 -10.63
C GLU A 3 -8.92 38.91 -11.69
N GLN A 4 -7.73 38.33 -11.54
CA GLN A 4 -6.57 38.76 -12.33
C GLN A 4 -6.32 37.94 -13.60
N VAL A 5 -5.43 38.46 -14.43
CA VAL A 5 -5.36 38.09 -15.85
C VAL A 5 -4.89 36.64 -16.04
N CYS A 6 -3.85 36.25 -15.29
CA CYS A 6 -3.34 34.86 -15.24
C CYS A 6 -4.43 33.81 -15.05
N ASP A 7 -5.39 34.11 -14.17
CA ASP A 7 -6.49 33.18 -13.86
C ASP A 7 -7.46 32.99 -15.03
N VAL A 8 -7.98 34.11 -15.57
CA VAL A 8 -8.96 34.10 -16.66
C VAL A 8 -8.39 33.40 -17.91
N PHE A 9 -7.17 33.79 -18.23
CA PHE A 9 -6.52 33.33 -19.43
C PHE A 9 -5.66 32.09 -19.26
N ASP A 10 -5.54 31.58 -18.01
CA ASP A 10 -4.79 30.34 -17.68
C ASP A 10 -3.39 30.36 -18.25
N ILE A 11 -2.58 31.26 -17.72
CA ILE A 11 -1.22 31.44 -18.12
C ILE A 11 -0.23 30.84 -17.09
N TYR A 12 0.57 29.91 -17.60
CA TYR A 12 1.54 29.16 -16.83
C TYR A 12 2.92 29.33 -17.43
N ALA A 13 3.95 29.15 -16.61
CA ALA A 13 5.29 28.92 -17.09
C ALA A 13 5.61 27.46 -16.98
N ILE A 14 6.43 26.97 -17.91
CA ILE A 14 7.07 25.65 -17.74
C ILE A 14 8.55 25.85 -18.04
N CYS A 15 9.43 25.26 -17.25
CA CYS A 15 10.86 25.40 -17.48
C CYS A 15 11.57 24.13 -17.03
N ALA A 16 12.86 24.03 -17.36
CA ALA A 16 13.75 23.05 -16.80
C ALA A 16 14.98 23.79 -16.26
N CYS A 17 15.34 23.58 -14.99
CA CYS A 17 16.59 24.10 -14.43
C CYS A 17 17.59 23.12 -13.84
N CYS A 18 18.85 23.29 -14.21
CA CYS A 18 19.92 22.51 -13.63
C CYS A 18 20.61 23.30 -12.54
N LYS A 19 21.69 22.71 -12.06
CA LYS A 19 22.47 23.31 -11.02
C LYS A 19 23.61 24.02 -11.75
N VAL A 20 24.16 25.09 -11.13
CA VAL A 20 25.14 25.99 -11.78
C VAL A 20 26.52 25.96 -11.15
N GLU A 21 27.55 26.05 -11.99
CA GLU A 21 28.96 25.99 -11.56
C GLU A 21 29.45 27.26 -10.84
N SER A 22 29.78 27.09 -9.56
CA SER A 22 30.61 28.02 -8.78
C SER A 22 31.29 27.26 -7.63
N LYS A 23 32.60 27.03 -7.80
CA LYS A 23 33.38 26.08 -6.97
C LYS A 23 33.84 26.67 -5.62
N LYS A 28 33.45 21.34 0.40
CA LYS A 28 32.68 20.16 0.92
C LYS A 28 31.29 20.53 1.47
N ASN A 29 31.22 21.54 2.35
CA ASN A 29 29.96 21.95 2.95
C ASN A 29 29.29 23.13 2.23
N GLU A 30 28.43 22.80 1.26
CA GLU A 30 27.60 23.81 0.59
C GLU A 30 26.11 23.72 0.98
N VAL A 31 25.43 24.86 0.83
CA VAL A 31 24.04 25.05 1.29
C VAL A 31 23.07 25.02 0.09
N PHE A 32 21.98 24.27 0.24
CA PHE A 32 21.02 24.11 -0.82
C PHE A 32 19.71 24.71 -0.39
N ASN A 33 19.02 25.29 -1.36
CA ASN A 33 17.66 25.80 -1.22
C ASN A 33 17.05 25.64 -2.62
N ASN A 34 15.79 26.07 -2.79
CA ASN A 34 15.10 25.99 -4.09
C ASN A 34 15.92 26.65 -5.20
N TYR A 35 16.57 27.77 -4.86
CA TYR A 35 17.40 28.54 -5.80
C TYR A 35 18.58 27.77 -6.39
N THR A 36 18.91 26.64 -5.76
CA THR A 36 19.98 25.74 -6.25
C THR A 36 19.71 25.36 -7.73
N PHE A 37 18.44 25.17 -8.04
CA PHE A 37 18.04 24.80 -9.40
C PHE A 37 17.60 26.07 -10.13
N ARG A 38 18.48 26.59 -10.99
CA ARG A 38 18.27 27.91 -11.61
C ARG A 38 18.82 28.05 -13.01
N GLY A 39 19.68 27.12 -13.43
CA GLY A 39 20.34 27.20 -14.73
C GLY A 39 19.37 26.93 -15.87
N LEU A 40 19.29 27.87 -16.83
CA LEU A 40 18.35 27.79 -17.95
C LEU A 40 19.01 27.51 -19.29
N GLY A 41 20.12 28.18 -19.56
CA GLY A 41 20.73 28.13 -20.88
C GLY A 41 22.17 28.56 -20.82
N ASN A 42 22.86 28.40 -21.94
CA ASN A 42 24.29 28.67 -22.09
C ASN A 42 24.60 28.94 -23.56
N LYS A 43 25.16 30.12 -23.85
CA LYS A 43 25.65 30.46 -25.18
C LYS A 43 24.55 30.20 -26.23
N GLY A 44 23.35 30.70 -25.92
CA GLY A 44 22.22 30.66 -26.83
C GLY A 44 21.47 29.34 -26.90
N VAL A 45 22.05 28.28 -26.34
CA VAL A 45 21.40 26.96 -26.30
C VAL A 45 21.17 26.43 -24.86
N LEU A 46 20.73 25.18 -24.75
CA LEU A 46 20.48 24.59 -23.43
C LEU A 46 21.81 24.13 -22.81
N PRO A 47 21.88 24.08 -21.47
CA PRO A 47 23.14 23.73 -20.81
C PRO A 47 23.54 22.30 -21.04
N TRP A 48 22.58 21.45 -21.42
CA TRP A 48 22.82 19.99 -21.44
C TRP A 48 22.57 19.49 -22.85
N LYS A 49 23.00 18.26 -23.12
CA LYS A 49 22.85 17.66 -24.44
C LYS A 49 21.40 17.36 -24.85
N CYS A 50 20.76 16.41 -24.17
CA CYS A 50 19.32 16.13 -24.30
C CYS A 50 18.93 15.44 -23.03
N ILE A 51 17.82 15.87 -22.47
CA ILE A 51 17.22 15.14 -21.39
C ILE A 51 15.88 14.72 -21.89
N SER A 52 15.81 13.51 -22.43
CA SER A 52 14.57 13.13 -23.15
C SER A 52 13.31 13.03 -22.30
N LEU A 53 13.44 12.68 -21.02
CA LEU A 53 12.27 12.59 -20.16
C LEU A 53 11.68 13.98 -19.92
N ASP A 54 12.52 15.02 -19.75
CA ASP A 54 11.98 16.34 -19.58
C ASP A 54 11.26 16.79 -20.87
N MET A 55 11.83 16.43 -22.04
CA MET A 55 11.24 16.75 -23.35
C MET A 55 9.90 16.07 -23.56
N LYS A 56 9.83 14.81 -23.14
CA LYS A 56 8.60 14.05 -23.20
C LYS A 56 7.51 14.67 -22.29
N TYR A 57 7.90 15.10 -21.09
CA TYR A 57 6.99 15.73 -20.14
C TYR A 57 6.55 17.10 -20.61
N PHE A 58 7.52 17.91 -21.00
CA PHE A 58 7.25 19.18 -21.66
C PHE A 58 6.18 19.02 -22.78
N ARG A 59 6.38 18.04 -23.66
CA ARG A 59 5.45 17.82 -24.77
C ARG A 59 4.10 17.45 -24.22
N ALA A 60 4.08 16.51 -23.28
CA ALA A 60 2.82 16.09 -22.66
C ALA A 60 2.08 17.27 -22.06
N VAL A 61 2.77 18.12 -21.32
CA VAL A 61 2.10 19.23 -20.62
C VAL A 61 1.63 20.29 -21.62
N THR A 62 2.46 20.62 -22.59
CA THR A 62 2.13 21.77 -23.46
C THR A 62 1.13 21.41 -24.58
N THR A 63 0.94 20.13 -24.86
CA THR A 63 0.00 19.71 -25.88
C THR A 63 -1.33 19.22 -25.30
N TYR A 64 -1.38 18.95 -23.99
CA TYR A 64 -2.60 18.37 -23.40
C TYR A 64 -3.77 19.36 -23.29
N VAL A 65 -4.90 18.96 -23.86
CA VAL A 65 -6.17 19.68 -23.67
C VAL A 65 -7.27 18.74 -23.21
N ASN A 66 -8.14 19.23 -22.34
CA ASN A 66 -9.39 18.55 -22.03
C ASN A 66 -10.56 19.33 -22.61
N GLU A 67 -11.15 18.79 -23.68
CA GLU A 67 -12.23 19.44 -24.40
C GLU A 67 -13.48 19.72 -23.57
N SER A 68 -13.92 18.76 -22.77
CA SER A 68 -15.10 18.99 -21.93
C SER A 68 -14.88 20.05 -20.84
N LYS A 69 -13.62 20.36 -20.55
CA LYS A 69 -13.29 21.47 -19.64
C LYS A 69 -13.35 22.84 -20.31
N TYR A 70 -13.42 22.87 -21.64
CA TYR A 70 -13.30 24.11 -22.41
C TYR A 70 -14.48 25.06 -22.23
N GLU A 71 -15.70 24.52 -22.34
CA GLU A 71 -16.98 25.27 -22.20
C GLU A 71 -16.97 26.28 -21.07
N LYS A 72 -16.51 25.81 -19.90
CA LYS A 72 -16.40 26.61 -18.70
C LYS A 72 -15.30 27.67 -18.81
N LEU A 73 -14.22 27.34 -19.51
CA LEU A 73 -13.12 28.30 -19.69
C LEU A 73 -13.53 29.39 -20.69
N LYS A 74 -14.25 28.96 -21.74
CA LYS A 74 -14.89 29.85 -22.72
C LYS A 74 -15.83 30.86 -22.01
N TYR A 75 -16.89 30.38 -21.35
CA TYR A 75 -17.75 31.26 -20.54
C TYR A 75 -16.99 32.26 -19.67
N LYS A 76 -16.02 31.76 -18.89
CA LYS A 76 -15.19 32.60 -18.03
C LYS A 76 -14.49 33.74 -18.75
N ARG A 77 -13.95 33.45 -19.94
CA ARG A 77 -13.15 34.43 -20.64
C ARG A 77 -14.07 35.49 -21.23
N CYS A 78 -15.14 35.02 -21.87
CA CYS A 78 -16.21 35.87 -22.34
C CYS A 78 -16.71 36.77 -21.21
N LYS A 79 -17.24 36.19 -20.14
CA LYS A 79 -17.68 36.97 -18.98
C LYS A 79 -16.70 38.08 -18.58
N TYR A 80 -15.41 37.75 -18.42
CA TYR A 80 -14.37 38.76 -18.06
C TYR A 80 -14.26 39.93 -19.06
N LEU A 81 -14.49 39.64 -20.34
CA LEU A 81 -14.36 40.64 -21.39
C LEU A 81 -15.70 41.25 -21.83
N ASN A 82 -16.76 40.98 -21.05
CA ASN A 82 -18.14 41.45 -21.30
C ASN A 82 -18.69 40.98 -22.63
N LYS A 83 -18.81 39.67 -22.84
CA LYS A 83 -19.19 39.13 -24.16
C LYS A 83 -20.12 37.92 -24.10
N GLU A 84 -21.05 37.87 -25.04
CA GLU A 84 -21.93 36.71 -25.21
C GLU A 84 -21.17 35.56 -25.90
N THR A 85 -21.79 34.38 -25.96
CA THR A 85 -21.10 33.11 -26.22
C THR A 85 -21.51 32.42 -27.55
N LYS A 96 -9.76 23.98 -36.30
CA LYS A 96 -9.26 22.61 -35.94
C LYS A 96 -9.55 22.18 -34.48
N LYS A 97 -9.04 20.99 -34.10
CA LYS A 97 -9.00 20.50 -32.72
C LYS A 97 -8.39 21.53 -31.75
N LEU A 98 -8.99 21.66 -30.58
CA LEU A 98 -8.58 22.63 -29.55
C LEU A 98 -7.14 22.43 -29.14
N GLN A 99 -6.45 23.56 -28.92
CA GLN A 99 -5.04 23.54 -28.76
C GLN A 99 -4.64 24.48 -27.62
N ASN A 100 -3.47 24.25 -27.05
CA ASN A 100 -2.85 25.24 -26.19
C ASN A 100 -2.06 26.28 -26.97
N VAL A 101 -1.88 27.44 -26.35
CA VAL A 101 -1.02 28.46 -26.88
C VAL A 101 0.33 28.25 -26.18
N VAL A 102 1.42 28.39 -26.93
CA VAL A 102 2.75 28.51 -26.33
C VAL A 102 3.43 29.81 -26.75
N VAL A 103 4.08 30.48 -25.80
CA VAL A 103 4.72 31.75 -25.98
C VAL A 103 6.22 31.59 -25.75
N MET A 104 7.01 32.03 -26.71
CA MET A 104 8.47 32.00 -26.63
C MET A 104 9.09 33.38 -26.84
N GLY A 105 10.19 33.66 -26.15
CA GLY A 105 11.09 34.74 -26.53
C GLY A 105 11.79 34.48 -27.85
N ARG A 106 12.21 35.57 -28.49
CA ARG A 106 12.87 35.51 -29.77
C ARG A 106 14.10 34.61 -29.71
N THR A 107 14.93 34.82 -28.70
CA THR A 107 16.15 34.03 -28.60
C THR A 107 15.77 32.56 -28.44
N ASN A 108 14.75 32.30 -27.62
CA ASN A 108 14.26 30.95 -27.41
C ASN A 108 13.80 30.35 -28.73
N TRP A 109 12.94 31.07 -29.46
CA TRP A 109 12.52 30.65 -30.79
C TRP A 109 13.68 30.28 -31.72
N GLU A 110 14.78 31.03 -31.65
CA GLU A 110 15.90 30.81 -32.58
C GLU A 110 16.79 29.64 -32.18
N SER A 111 16.74 29.21 -30.92
CA SER A 111 17.53 28.03 -30.47
C SER A 111 16.93 26.71 -30.89
N ILE A 112 15.70 26.74 -31.34
CA ILE A 112 15.00 25.51 -31.67
C ILE A 112 15.29 25.19 -33.14
N PRO A 113 15.73 23.94 -33.43
CA PRO A 113 15.99 23.52 -34.80
C PRO A 113 14.75 23.59 -35.66
N LYS A 114 14.96 23.92 -36.94
CA LYS A 114 13.86 24.24 -37.87
C LYS A 114 12.87 23.11 -37.95
N LYS A 115 13.34 21.87 -37.88
CA LYS A 115 12.49 20.69 -38.02
C LYS A 115 11.41 20.57 -36.92
N PHE A 116 11.58 21.34 -35.85
CA PHE A 116 10.71 21.31 -34.68
C PHE A 116 9.78 22.53 -34.61
N LYS A 117 10.02 23.50 -35.50
CA LYS A 117 9.25 24.74 -35.57
C LYS A 117 8.27 24.75 -36.74
N PRO A 118 7.07 25.31 -36.53
CA PRO A 118 6.54 25.66 -35.20
C PRO A 118 6.20 24.41 -34.35
N LEU A 119 6.14 24.55 -33.02
CA LEU A 119 5.96 23.37 -32.14
C LEU A 119 4.62 22.74 -32.45
N SER A 120 4.59 21.44 -32.65
CA SER A 120 3.40 20.81 -33.21
C SER A 120 2.23 20.87 -32.25
N ASN A 121 1.04 20.92 -32.82
CA ASN A 121 -0.22 20.83 -32.08
C ASN A 121 -0.40 21.93 -31.03
N ARG A 122 0.30 23.05 -31.22
CA ARG A 122 0.18 24.20 -30.33
C ARG A 122 0.16 25.48 -31.14
N ILE A 123 -0.53 26.48 -30.63
CA ILE A 123 -0.52 27.79 -31.25
C ILE A 123 0.75 28.52 -30.83
N ASN A 124 1.68 28.69 -31.76
CA ASN A 124 2.94 29.32 -31.45
C ASN A 124 2.87 30.86 -31.45
N VAL A 125 3.61 31.50 -30.54
CA VAL A 125 3.56 32.95 -30.34
C VAL A 125 4.99 33.32 -29.96
N ILE A 126 5.57 34.24 -30.72
CA ILE A 126 6.92 34.73 -30.42
C ILE A 126 6.85 36.17 -29.96
N LEU A 127 7.59 36.51 -28.89
CA LEU A 127 7.80 37.91 -28.51
C LEU A 127 9.02 38.44 -29.22
N SER A 128 8.91 39.64 -29.79
CA SER A 128 10.03 40.27 -30.51
C SER A 128 9.77 41.74 -30.78
N ARG A 129 10.84 42.53 -30.74
CA ARG A 129 10.79 43.93 -31.20
C ARG A 129 11.45 43.98 -32.56
N THR A 130 12.59 43.31 -32.69
CA THR A 130 13.44 43.45 -33.84
C THR A 130 12.94 42.67 -35.08
N LEU A 131 12.09 41.67 -34.86
CA LEU A 131 11.52 40.88 -35.96
C LEU A 131 10.01 41.09 -36.00
N LYS A 132 9.45 40.99 -37.20
CA LYS A 132 8.03 41.23 -37.45
C LYS A 132 7.58 40.07 -38.29
N LYS A 133 6.28 39.94 -38.46
CA LYS A 133 5.67 38.83 -39.20
C LYS A 133 6.31 38.53 -40.58
N GLU A 134 6.82 39.57 -41.23
CA GLU A 134 7.49 39.48 -42.53
C GLU A 134 8.74 38.61 -42.49
N ASP A 135 9.34 38.51 -41.30
CA ASP A 135 10.61 37.82 -41.16
C ASP A 135 10.48 36.35 -40.87
N PHE A 136 9.23 35.87 -40.78
CA PHE A 136 8.93 34.47 -40.48
C PHE A 136 8.13 33.86 -41.63
N ASP A 137 8.57 32.71 -42.13
CA ASP A 137 7.78 31.89 -43.05
C ASP A 137 6.64 31.16 -42.32
N GLU A 138 6.84 30.91 -41.02
CA GLU A 138 6.02 29.94 -40.25
C GLU A 138 4.66 30.44 -39.81
N ASP A 139 3.76 29.51 -39.61
CA ASP A 139 2.46 29.82 -39.00
C ASP A 139 2.63 30.09 -37.50
N VAL A 140 2.94 31.35 -37.15
CA VAL A 140 3.21 31.82 -35.79
C VAL A 140 2.65 33.21 -35.68
N TYR A 141 2.32 33.66 -34.46
CA TYR A 141 1.88 35.04 -34.19
C TYR A 141 3.08 35.78 -33.63
N ILE A 142 3.44 36.90 -34.24
CA ILE A 142 4.47 37.80 -33.66
C ILE A 142 3.79 38.87 -32.78
N ILE A 143 4.34 39.10 -31.59
CA ILE A 143 3.85 40.20 -30.72
C ILE A 143 5.03 40.99 -30.20
N ASN A 144 4.82 42.29 -29.99
CA ASN A 144 5.93 43.18 -29.64
C ASN A 144 5.82 43.79 -28.24
N LYS A 145 4.71 43.48 -27.57
CA LYS A 145 4.42 43.94 -26.21
C LYS A 145 3.74 42.79 -25.49
N VAL A 146 4.01 42.65 -24.20
CA VAL A 146 3.31 41.69 -23.36
C VAL A 146 1.79 41.91 -23.36
N GLU A 147 1.35 43.16 -23.36
CA GLU A 147 -0.09 43.48 -23.36
C GLU A 147 -0.81 42.84 -24.55
N ASP A 148 -0.12 42.82 -25.70
CA ASP A 148 -0.65 42.27 -26.94
C ASP A 148 -0.90 40.78 -26.92
N LEU A 149 -0.15 40.06 -26.07
CA LEU A 149 -0.45 38.66 -25.79
C LEU A 149 -1.85 38.54 -25.22
N ILE A 150 -2.11 39.31 -24.17
CA ILE A 150 -3.44 39.26 -23.54
C ILE A 150 -4.56 39.54 -24.54
N VAL A 151 -4.40 40.57 -25.40
CA VAL A 151 -5.45 40.92 -26.37
C VAL A 151 -5.76 39.70 -27.23
N LEU A 152 -4.70 39.03 -27.71
CA LEU A 152 -4.79 37.81 -28.55
C LEU A 152 -5.51 36.64 -27.87
N LEU A 153 -5.17 36.44 -26.61
CA LEU A 153 -5.81 35.35 -25.86
C LEU A 153 -7.31 35.54 -25.81
N GLY A 154 -7.76 36.80 -25.67
CA GLY A 154 -9.19 37.15 -25.88
C GLY A 154 -9.80 36.80 -27.23
N LYS A 155 -8.96 36.70 -28.27
CA LYS A 155 -9.45 36.46 -29.62
C LYS A 155 -9.31 34.99 -30.02
N LEU A 156 -8.39 34.28 -29.38
CA LEU A 156 -8.21 32.89 -29.73
C LEU A 156 -9.12 31.97 -28.96
N ASN A 157 -9.52 30.90 -29.62
CA ASN A 157 -9.94 29.67 -28.97
C ASN A 157 -8.75 28.79 -28.57
N TYR A 158 -8.58 28.58 -27.27
CA TYR A 158 -7.50 27.76 -26.77
C TYR A 158 -7.81 27.23 -25.36
N TYR A 159 -7.12 26.17 -24.98
CA TYR A 159 -7.26 25.57 -23.66
C TYR A 159 -6.38 26.35 -22.70
N LYS A 160 -5.06 26.12 -22.71
CA LYS A 160 -4.20 26.84 -21.79
C LYS A 160 -3.04 27.50 -22.49
N CYS A 161 -2.38 28.40 -21.76
CA CYS A 161 -1.29 29.20 -22.27
C CYS A 161 0.00 29.01 -21.45
N PHE A 162 1.03 28.48 -22.10
CA PHE A 162 2.29 28.18 -21.46
C PHE A 162 3.40 29.11 -21.97
N ILE A 163 4.10 29.69 -21.01
CA ILE A 163 5.23 30.57 -21.25
C ILE A 163 6.47 29.69 -21.19
N LEU A 164 6.91 29.38 -22.40
CA LEU A 164 7.94 28.39 -22.78
C LEU A 164 9.31 28.88 -22.41
N GLY A 165 9.40 30.11 -22.01
CA GLY A 165 10.73 30.53 -21.59
C GLY A 165 11.42 31.55 -22.44
N GLY A 166 12.60 31.68 -21.95
CA GLY A 166 13.62 32.67 -22.21
C GLY A 166 13.76 33.36 -20.88
N SER A 167 14.96 33.54 -20.39
CA SER A 167 15.13 34.28 -19.11
C SER A 167 14.34 35.58 -19.08
N VAL A 168 14.57 36.43 -20.09
CA VAL A 168 13.86 37.71 -20.21
C VAL A 168 12.36 37.47 -20.12
N VAL A 169 11.83 36.55 -20.93
CA VAL A 169 10.39 36.28 -20.92
C VAL A 169 9.86 35.82 -19.57
N TYR A 170 10.50 34.83 -18.96
CA TYR A 170 10.17 34.44 -17.57
C TYR A 170 10.14 35.61 -16.58
N GLN A 171 11.22 36.38 -16.58
CA GLN A 171 11.39 37.48 -15.65
C GLN A 171 10.22 38.45 -15.73
N GLU A 172 9.82 38.82 -16.94
CA GLU A 172 8.78 39.84 -17.10
C GLU A 172 7.40 39.33 -16.73
N PHE A 173 7.12 38.06 -17.03
CA PHE A 173 5.82 37.45 -16.71
C PHE A 173 5.54 37.29 -15.22
N LEU A 174 6.57 36.86 -14.48
CA LEU A 174 6.55 36.81 -13.01
C LEU A 174 6.48 38.21 -12.35
N GLU A 175 7.24 39.18 -12.89
CA GLU A 175 7.15 40.60 -12.46
C GLU A 175 5.75 41.19 -12.62
N LYS A 176 5.11 40.90 -13.76
CA LYS A 176 3.74 41.38 -14.02
C LYS A 176 2.71 40.43 -13.45
N LYS A 177 3.16 39.46 -12.67
CA LYS A 177 2.29 38.52 -11.97
C LYS A 177 1.28 37.81 -12.89
N LEU A 178 1.70 37.56 -14.13
CA LEU A 178 0.84 36.85 -15.11
C LEU A 178 0.93 35.28 -15.10
N ILE A 179 1.63 34.71 -14.12
CA ILE A 179 1.84 33.29 -14.00
C ILE A 179 1.02 32.72 -12.85
N LYS A 180 0.16 31.76 -13.15
CA LYS A 180 -0.70 31.11 -12.17
C LYS A 180 -0.02 29.88 -11.48
N LYS A 181 0.75 29.11 -12.27
CA LYS A 181 1.55 27.95 -11.81
C LYS A 181 2.81 27.85 -12.63
N ILE A 182 3.91 27.53 -11.96
CA ILE A 182 5.14 27.20 -12.64
C ILE A 182 5.36 25.70 -12.60
N TYR A 183 5.42 25.08 -13.79
CA TYR A 183 5.80 23.69 -13.94
C TYR A 183 7.29 23.66 -14.08
N PHE A 184 7.98 23.18 -13.04
CA PHE A 184 9.42 23.39 -12.91
C PHE A 184 10.10 22.05 -12.81
N THR A 185 11.05 21.79 -13.70
CA THR A 185 11.77 20.54 -13.67
C THR A 185 13.13 20.77 -13.00
N ARG A 186 13.45 19.92 -12.03
CA ARG A 186 14.72 20.03 -11.33
C ARG A 186 15.61 19.01 -11.93
N ILE A 187 16.59 19.48 -12.68
CA ILE A 187 17.59 18.66 -13.29
C ILE A 187 18.72 18.57 -12.29
N ASN A 188 18.95 17.37 -11.77
CA ASN A 188 19.91 17.21 -10.68
C ASN A 188 21.34 16.91 -11.15
N SER A 189 21.84 17.82 -12.00
CA SER A 189 23.25 17.83 -12.39
C SER A 189 23.71 19.24 -12.70
N THR A 190 25.04 19.43 -12.80
CA THR A 190 25.66 20.73 -12.97
C THR A 190 26.23 20.93 -14.38
N TYR A 191 25.97 22.10 -14.97
CA TYR A 191 26.44 22.40 -16.30
C TYR A 191 26.75 23.87 -16.34
N GLU A 192 27.65 24.25 -17.24
CA GLU A 192 27.97 25.66 -17.47
C GLU A 192 26.71 26.42 -17.91
N CYS A 193 26.42 27.52 -17.23
CA CYS A 193 25.25 28.32 -17.55
C CYS A 193 25.57 29.81 -17.63
N ASP A 194 24.85 30.54 -18.49
CA ASP A 194 24.97 32.00 -18.58
C ASP A 194 23.65 32.74 -18.42
N VAL A 195 22.54 32.03 -18.56
CA VAL A 195 21.21 32.60 -18.23
C VAL A 195 20.52 31.77 -17.15
N PHE A 196 19.63 32.41 -16.39
CA PHE A 196 19.15 31.88 -15.13
C PHE A 196 17.67 32.14 -14.94
N PHE A 197 16.98 31.18 -14.34
CA PHE A 197 15.59 31.40 -13.94
C PHE A 197 15.64 32.43 -12.83
N PRO A 198 14.65 33.34 -12.81
CA PRO A 198 14.55 34.32 -11.72
C PRO A 198 14.30 33.64 -10.38
N GLU A 199 14.88 34.19 -9.32
CA GLU A 199 14.62 33.77 -7.93
C GLU A 199 13.13 33.89 -7.66
N ILE A 200 12.50 32.78 -7.30
CA ILE A 200 11.08 32.75 -7.00
C ILE A 200 10.89 33.15 -5.54
N ASN A 201 9.95 34.08 -5.34
CA ASN A 201 9.58 34.56 -4.02
C ASN A 201 8.61 33.58 -3.35
N GLU A 202 8.96 33.12 -2.15
CA GLU A 202 8.06 32.22 -1.40
C GLU A 202 6.77 32.89 -0.88
N ASN A 203 6.75 34.21 -0.80
CA ASN A 203 5.54 34.93 -0.42
C ASN A 203 4.52 34.84 -1.55
N GLU A 204 5.04 34.81 -2.78
CA GLU A 204 4.23 34.80 -3.99
C GLU A 204 3.91 33.41 -4.54
N TYR A 205 4.81 32.46 -4.36
CA TYR A 205 4.65 31.10 -4.91
C TYR A 205 5.05 30.01 -3.92
N GLN A 206 4.20 28.99 -3.75
CA GLN A 206 4.55 27.82 -2.98
C GLN A 206 4.47 26.49 -3.76
N ILE A 207 5.34 25.54 -3.45
CA ILE A 207 5.28 24.26 -4.10
C ILE A 207 4.03 23.53 -3.63
N ILE A 208 3.23 23.05 -4.57
CA ILE A 208 2.07 22.22 -4.20
C ILE A 208 2.17 20.77 -4.62
N SER A 209 3.12 20.43 -5.50
CA SER A 209 3.28 19.05 -5.99
C SER A 209 4.70 18.71 -6.34
N VAL A 210 5.11 17.50 -5.99
CA VAL A 210 6.42 16.95 -6.32
C VAL A 210 6.19 15.54 -6.88
N SER A 211 6.92 15.21 -7.93
CA SER A 211 6.70 13.96 -8.66
C SER A 211 7.62 12.90 -8.13
N ASP A 212 7.53 11.70 -8.70
CA ASP A 212 8.51 10.62 -8.55
C ASP A 212 9.89 11.10 -9.04
N VAL A 213 10.97 10.37 -8.71
CA VAL A 213 12.30 10.75 -9.15
C VAL A 213 12.66 9.80 -10.28
N TYR A 214 13.39 10.32 -11.27
CA TYR A 214 13.65 9.57 -12.48
C TYR A 214 15.11 9.75 -12.84
N THR A 215 15.60 8.85 -13.68
CA THR A 215 16.88 9.02 -14.33
C THR A 215 16.63 9.12 -15.83
N SER A 216 17.30 10.06 -16.46
CA SER A 216 17.28 10.14 -17.92
C SER A 216 18.60 10.71 -18.34
N ASN A 217 19.25 10.09 -19.32
CA ASN A 217 20.53 10.63 -19.81
C ASN A 217 21.57 10.89 -18.73
N ASN A 218 21.78 9.93 -17.84
CA ASN A 218 22.83 9.99 -16.78
C ASN A 218 22.66 11.18 -15.81
N THR A 219 21.41 11.54 -15.55
CA THR A 219 21.07 12.47 -14.48
C THR A 219 19.71 12.14 -13.85
N THR A 220 19.57 12.37 -12.55
CA THR A 220 18.25 12.26 -11.94
C THR A 220 17.61 13.59 -12.15
N LEU A 221 16.28 13.60 -12.16
CA LEU A 221 15.46 14.83 -12.25
C LEU A 221 14.14 14.49 -11.57
N ASP A 222 13.45 15.52 -11.09
CA ASP A 222 12.03 15.42 -10.85
C ASP A 222 11.25 16.64 -11.38
N PHE A 223 9.95 16.66 -11.14
CA PHE A 223 9.07 17.72 -11.65
C PHE A 223 8.25 18.21 -10.47
N ILE A 224 8.22 19.52 -10.28
CA ILE A 224 7.46 20.11 -9.21
C ILE A 224 6.60 21.21 -9.79
N ILE A 225 5.60 21.60 -9.02
CA ILE A 225 4.60 22.56 -9.44
C ILE A 225 4.53 23.61 -8.34
N TYR A 226 4.82 24.86 -8.70
CA TYR A 226 4.60 25.98 -7.83
C TYR A 226 3.24 26.57 -8.16
N LYS A 227 2.47 26.93 -7.15
CA LYS A 227 1.20 27.64 -7.33
C LYS A 227 1.30 29.06 -6.76
N LYS A 228 0.60 30.02 -7.39
CA LYS A 228 0.58 31.43 -6.91
C LYS A 228 -0.22 31.42 -5.65
N THR A 229 0.33 32.06 -4.60
CA THR A 229 -0.19 31.88 -3.22
C THR A 229 -1.53 32.54 -2.93
N ASN A 230 -2.20 31.98 -1.92
CA ASN A 230 -3.50 32.44 -1.36
C ASN A 230 -3.60 33.94 -0.99
N ASN A 231 -2.45 34.57 -0.71
CA ASN A 231 -2.37 36.01 -0.43
C ASN A 231 -2.13 36.81 -1.73
N ASP A 283 -19.34 10.76 -12.96
CA ASP A 283 -20.62 10.16 -12.50
C ASP A 283 -21.10 10.74 -11.15
N ASP A 284 -22.39 10.56 -10.85
CA ASP A 284 -23.07 11.23 -9.73
C ASP A 284 -23.58 10.31 -8.60
N GLU A 285 -24.17 9.18 -8.96
CA GLU A 285 -24.77 8.21 -8.01
C GLU A 285 -23.72 7.61 -7.07
N GLU A 286 -22.67 7.08 -7.68
CA GLU A 286 -21.69 6.22 -6.99
C GLU A 286 -20.75 6.98 -6.03
N GLU A 287 -20.70 8.30 -6.12
CA GLU A 287 -19.89 9.11 -5.18
C GLU A 287 -20.54 9.18 -3.79
N ASP A 288 -21.88 9.06 -3.75
CA ASP A 288 -22.64 8.92 -2.51
C ASP A 288 -22.43 7.54 -1.85
N ASP A 289 -22.18 6.51 -2.66
CA ASP A 289 -21.90 5.16 -2.15
C ASP A 289 -20.60 5.13 -1.32
N PHE A 290 -19.58 5.84 -1.79
CA PHE A 290 -18.33 6.07 -1.06
C PHE A 290 -18.55 6.64 0.34
N VAL A 291 -19.48 7.60 0.47
CA VAL A 291 -19.75 8.23 1.77
C VAL A 291 -20.42 7.21 2.70
N TYR A 292 -21.32 6.42 2.13
CA TYR A 292 -21.98 5.38 2.90
C TYR A 292 -20.94 4.39 3.51
N PHE A 293 -19.99 3.94 2.69
CA PHE A 293 -19.04 2.93 3.12
C PHE A 293 -18.10 3.47 4.19
N ASN A 294 -18.04 4.80 4.28
CA ASN A 294 -17.27 5.48 5.33
C ASN A 294 -18.03 5.80 6.60
N PHE A 295 -19.22 5.22 6.74
CA PHE A 295 -20.05 5.42 7.92
C PHE A 295 -19.36 5.14 9.26
N ASN A 296 -18.38 4.22 9.26
CA ASN A 296 -17.75 3.82 10.52
C ASN A 296 -16.34 4.42 10.85
N LYS A 297 -15.89 5.39 10.05
CA LYS A 297 -14.78 6.27 10.45
C LYS A 297 -15.05 6.90 11.82
N GLU A 298 -14.05 6.85 12.71
CA GLU A 298 -14.20 7.23 14.14
C GLU A 298 -14.63 8.69 14.38
N ASN A 310 -1.81 21.17 12.19
CA ASN A 310 -1.20 22.41 12.72
C ASN A 310 0.34 22.30 12.79
N ASP A 311 0.83 21.11 13.15
CA ASP A 311 2.28 20.90 13.23
C ASP A 311 2.89 20.54 11.88
N PHE A 312 2.03 20.27 10.89
CA PHE A 312 2.45 19.79 9.58
C PHE A 312 1.77 20.57 8.47
N GLN A 313 1.74 21.90 8.59
CA GLN A 313 1.03 22.77 7.63
C GLN A 313 1.59 22.59 6.23
N ILE A 314 2.92 22.69 6.13
CA ILE A 314 3.63 22.52 4.89
C ILE A 314 3.40 21.08 4.37
N TYR A 315 3.81 20.07 5.13
CA TYR A 315 3.51 18.67 4.77
C TYR A 315 2.08 18.46 4.26
N ASN A 316 1.11 19.10 4.88
CA ASN A 316 -0.29 18.90 4.46
C ASN A 316 -0.82 19.80 3.32
N SER A 317 0.00 20.77 2.92
CA SER A 317 -0.37 21.74 1.92
C SER A 317 -0.04 21.19 0.54
N LEU A 318 0.84 20.21 0.49
CA LEU A 318 1.15 19.53 -0.77
C LEU A 318 -0.01 18.70 -1.31
N LYS A 319 -0.33 18.87 -2.59
CA LYS A 319 -1.42 18.07 -3.18
C LYS A 319 -0.89 16.68 -3.55
N TYR A 320 0.14 16.61 -4.38
CA TYR A 320 0.70 15.33 -4.80
C TYR A 320 2.11 15.13 -4.25
N LYS A 321 2.26 14.13 -3.41
CA LYS A 321 3.53 13.84 -2.69
C LYS A 321 4.07 12.52 -3.26
N TYR A 322 4.57 12.55 -4.49
CA TYR A 322 4.91 11.31 -5.19
C TYR A 322 6.42 10.99 -5.14
N HIS A 323 7.22 11.96 -4.70
CA HIS A 323 8.63 11.75 -4.46
C HIS A 323 8.78 10.51 -3.52
N PRO A 324 9.70 9.58 -3.82
CA PRO A 324 9.75 8.34 -3.00
C PRO A 324 10.18 8.56 -1.54
N GLU A 325 10.85 9.67 -1.26
CA GLU A 325 11.15 10.05 0.12
C GLU A 325 9.88 10.11 0.97
N TYR A 326 8.74 10.39 0.33
CA TYR A 326 7.48 10.37 1.05
C TYR A 326 7.09 9.00 1.57
N GLN A 327 7.59 7.93 0.99
CA GLN A 327 7.37 6.65 1.64
C GLN A 327 7.82 6.62 3.10
N TYR A 328 8.98 7.22 3.39
CA TYR A 328 9.55 7.31 4.71
C TYR A 328 8.82 8.38 5.53
N LEU A 329 8.70 9.58 4.97
CA LEU A 329 7.95 10.64 5.62
C LEU A 329 6.51 10.31 5.96
N ASN A 330 5.80 9.57 5.08
CA ASN A 330 4.40 9.22 5.34
C ASN A 330 4.27 8.23 6.50
N ILE A 331 5.31 7.43 6.71
CA ILE A 331 5.27 6.44 7.78
C ILE A 331 5.44 7.14 9.15
N ILE A 332 6.36 8.08 9.21
CA ILE A 332 6.56 8.88 10.41
C ILE A 332 5.28 9.62 10.75
N TYR A 333 4.69 10.21 9.71
CA TYR A 333 3.45 10.96 9.87
C TYR A 333 2.43 10.04 10.49
N ASP A 334 2.36 8.81 9.97
CA ASP A 334 1.31 7.89 10.39
C ASP A 334 1.60 7.45 11.84
N ILE A 335 2.85 7.26 12.18
CA ILE A 335 3.21 6.86 13.53
C ILE A 335 2.89 8.01 14.50
N MET A 336 3.31 9.24 14.14
CA MET A 336 2.95 10.46 14.92
C MET A 336 1.45 10.73 15.13
N MET A 337 0.62 10.49 14.13
CA MET A 337 -0.81 10.73 14.26
C MET A 337 -1.62 9.57 14.80
N ASN A 338 -1.16 8.33 14.56
CA ASN A 338 -1.96 7.16 14.91
C ASN A 338 -1.23 6.09 15.66
N GLY A 339 0.05 6.29 15.96
CA GLY A 339 0.85 5.31 16.65
C GLY A 339 0.47 5.06 18.10
N ASN A 340 0.94 3.94 18.64
CA ASN A 340 0.61 3.53 19.97
C ASN A 340 1.67 4.01 20.92
N LYS A 341 1.26 4.62 22.05
CA LYS A 341 2.19 5.08 23.09
C LYS A 341 2.67 3.86 23.86
N GLN A 342 3.98 3.65 23.93
CA GLN A 342 4.50 2.42 24.55
C GLN A 342 5.79 2.73 25.25
N SER A 343 6.04 2.04 26.33
CA SER A 343 7.37 2.09 26.94
C SER A 343 8.17 1.18 26.04
N ASP A 344 9.49 1.17 26.23
CA ASP A 344 10.35 0.29 25.48
C ASP A 344 11.58 0.04 26.34
N ARG A 345 12.38 -0.93 25.90
CA ARG A 345 13.65 -1.31 26.55
C ARG A 345 14.55 -0.14 27.01
N THR A 346 14.57 0.94 26.22
CA THR A 346 15.48 2.09 26.43
C THR A 346 15.06 3.01 27.59
N GLY A 347 13.77 2.99 27.94
CA GLY A 347 13.20 3.96 28.88
C GLY A 347 12.76 5.30 28.31
N VAL A 348 12.85 5.50 26.99
CA VAL A 348 12.50 6.81 26.42
C VAL A 348 11.01 6.86 26.13
N GLY A 349 10.46 5.71 25.78
CA GLY A 349 9.10 5.66 25.29
C GLY A 349 9.03 6.00 23.81
N VAL A 350 8.04 5.44 23.17
CA VAL A 350 7.92 5.60 21.71
C VAL A 350 6.47 5.64 21.29
N LEU A 351 6.30 6.02 20.06
CA LEU A 351 5.04 5.87 19.31
C LEU A 351 5.37 4.73 18.36
N SER A 352 4.53 3.74 18.25
CA SER A 352 4.87 2.56 17.48
C SER A 352 3.71 2.10 16.68
N LYS A 353 4.03 1.50 15.53
CA LYS A 353 3.08 0.70 14.74
C LYS A 353 3.80 -0.54 14.20
N PHE A 354 3.05 -1.48 13.63
CA PHE A 354 3.56 -2.79 13.33
C PHE A 354 3.25 -3.14 11.88
N GLY A 355 4.28 -3.19 11.04
CA GLY A 355 4.13 -3.73 9.68
C GLY A 355 3.95 -2.70 8.60
N TYR A 356 5.06 -2.29 7.98
CA TYR A 356 5.07 -1.43 6.81
C TYR A 356 6.00 -1.99 5.74
N ILE A 357 5.79 -1.54 4.51
CA ILE A 357 6.71 -1.83 3.43
C ILE A 357 7.03 -0.55 2.67
N MET A 358 8.32 -0.29 2.42
CA MET A 358 8.72 0.75 1.45
C MET A 358 9.46 0.10 0.30
N LYS A 359 9.39 0.75 -0.88
CA LYS A 359 10.00 0.30 -2.13
C LYS A 359 10.75 1.42 -2.80
N PHE A 360 12.03 1.17 -3.09
CA PHE A 360 12.85 2.15 -3.77
C PHE A 360 13.38 1.54 -5.04
N ASP A 361 13.17 2.25 -6.13
CA ASP A 361 13.62 1.86 -7.49
C ASP A 361 15.06 2.35 -7.66
N LEU A 362 16.01 1.46 -7.51
CA LEU A 362 17.41 1.84 -7.57
C LEU A 362 17.93 2.02 -9.02
N SER A 363 17.18 1.51 -10.01
CA SER A 363 17.47 1.81 -11.42
C SER A 363 17.26 3.33 -11.69
N GLN A 364 16.41 3.99 -10.89
CA GLN A 364 16.10 5.38 -11.09
C GLN A 364 16.81 6.41 -10.20
N TYR A 365 17.23 6.02 -9.00
CA TYR A 365 17.86 6.94 -8.03
C TYR A 365 18.55 6.12 -6.92
N PHE A 366 19.40 6.77 -6.12
CA PHE A 366 19.83 6.21 -4.86
C PHE A 366 19.09 6.93 -3.73
N PRO A 367 18.29 6.21 -2.96
CA PRO A 367 17.31 6.86 -2.07
C PRO A 367 17.90 7.34 -0.72
N LEU A 368 18.93 8.17 -0.77
CA LEU A 368 19.48 8.88 0.38
C LEU A 368 18.58 10.07 0.78
N LEU A 369 18.05 10.04 2.00
CA LEU A 369 17.13 11.08 2.42
C LEU A 369 17.66 12.47 2.18
N THR A 370 16.79 13.36 1.70
CA THR A 370 17.23 14.69 1.34
C THR A 370 16.64 15.70 2.29
N THR A 371 15.66 15.27 3.09
CA THR A 371 15.08 16.19 4.08
C THR A 371 15.97 16.50 5.30
N LYS A 372 17.14 15.88 5.38
CA LYS A 372 18.16 16.21 6.35
C LYS A 372 19.41 15.66 5.75
N LYS A 373 20.55 15.97 6.36
CA LYS A 373 21.84 15.57 5.82
C LYS A 373 22.28 14.23 6.39
N LEU A 374 22.68 13.33 5.51
CA LEU A 374 23.26 12.05 5.90
C LEU A 374 24.59 11.91 5.24
N PHE A 375 25.51 11.22 5.89
CA PHE A 375 26.81 10.87 5.29
C PHE A 375 26.91 9.34 5.23
N LEU A 376 27.73 8.81 4.32
CA LEU A 376 27.74 7.37 4.02
C LEU A 376 29.00 6.60 4.38
N ARG A 377 30.05 7.31 4.81
CA ARG A 377 31.33 6.67 5.09
C ARG A 377 31.18 5.53 6.11
N GLY A 378 30.64 5.83 7.30
CA GLY A 378 30.49 4.86 8.37
C GLY A 378 29.76 3.60 7.91
N ILE A 379 28.56 3.77 7.40
CA ILE A 379 27.74 2.66 6.98
C ILE A 379 28.31 1.82 5.84
N ILE A 380 29.14 2.42 5.01
CA ILE A 380 29.91 1.66 4.03
C ILE A 380 31.00 0.81 4.72
N GLU A 381 31.79 1.45 5.58
CA GLU A 381 32.81 0.72 6.32
C GLU A 381 32.16 -0.44 7.10
N GLU A 382 30.96 -0.20 7.67
CA GLU A 382 30.24 -1.22 8.42
C GLU A 382 29.96 -2.41 7.53
N LEU A 383 29.53 -2.10 6.32
CA LEU A 383 29.12 -3.12 5.35
C LEU A 383 30.33 -3.93 4.89
N LEU A 384 31.46 -3.25 4.72
CA LEU A 384 32.72 -3.92 4.37
C LEU A 384 33.23 -4.81 5.53
N TRP A 385 33.14 -4.30 6.75
CA TRP A 385 33.41 -5.05 7.96
C TRP A 385 32.45 -6.28 8.11
N PHE A 386 31.14 -6.15 7.80
CA PHE A 386 30.22 -7.31 7.69
C PHE A 386 30.74 -8.34 6.69
N ILE A 387 31.10 -7.87 5.49
CA ILE A 387 31.43 -8.81 4.42
C ILE A 387 32.74 -9.51 4.77
N ARG A 388 33.63 -8.85 5.51
CA ARG A 388 34.88 -9.55 5.87
C ARG A 388 34.64 -10.58 6.99
N GLY A 389 33.42 -10.64 7.54
CA GLY A 389 33.11 -11.57 8.63
C GLY A 389 33.61 -11.14 10.01
N GLU A 390 33.89 -9.84 10.17
CA GLU A 390 34.51 -9.33 11.37
C GLU A 390 33.52 -9.12 12.49
N THR A 391 34.01 -9.26 13.72
CA THR A 391 33.21 -8.96 14.90
C THR A 391 34.00 -8.08 15.85
N ASN A 392 35.12 -7.55 15.37
CA ASN A 392 36.03 -6.78 16.20
C ASN A 392 35.70 -5.29 16.10
N GLY A 393 35.13 -4.72 17.16
CA GLY A 393 34.70 -3.32 17.14
C GLY A 393 35.85 -2.33 16.98
N ASN A 394 37.07 -2.75 17.37
CA ASN A 394 38.25 -1.86 17.29
C ASN A 394 38.54 -1.48 15.82
N THR A 395 38.25 -2.41 14.90
CA THR A 395 38.45 -2.18 13.46
C THR A 395 37.70 -0.94 12.96
N LEU A 396 36.43 -0.82 13.36
CA LEU A 396 35.62 0.36 13.05
C LEU A 396 36.16 1.60 13.74
N LEU A 397 36.31 1.53 15.08
CA LEU A 397 36.79 2.68 15.86
C LEU A 397 38.09 3.26 15.31
N ASN A 398 38.97 2.40 14.82
CA ASN A 398 40.24 2.83 14.21
C ASN A 398 40.07 3.55 12.84
N LYS A 399 38.87 3.45 12.25
CA LYS A 399 38.50 4.25 11.08
C LYS A 399 37.58 5.39 11.50
N ASN A 400 37.57 5.69 12.80
CA ASN A 400 36.69 6.73 13.35
C ASN A 400 35.20 6.54 12.94
N VAL A 401 34.76 5.28 12.97
CA VAL A 401 33.35 4.92 12.79
C VAL A 401 32.89 4.34 14.12
N ARG A 402 31.90 4.98 14.73
CA ARG A 402 31.54 4.70 16.11
C ARG A 402 30.15 4.13 16.21
N ILE A 403 29.60 3.66 15.09
CA ILE A 403 28.28 3.06 15.07
C ILE A 403 28.06 1.96 16.14
N TRP A 404 29.11 1.17 16.41
CA TRP A 404 29.07 0.02 17.34
C TRP A 404 29.77 0.23 18.66
N GLU A 405 30.30 1.44 18.86
CA GLU A 405 31.02 1.79 20.07
C GLU A 405 30.25 1.51 21.34
N ALA A 406 29.08 2.12 21.49
CA ALA A 406 28.24 1.93 22.70
C ALA A 406 27.94 0.44 22.99
N ASN A 407 27.78 -0.38 21.95
CA ASN A 407 27.48 -1.78 22.16
C ASN A 407 28.69 -2.65 22.51
N GLY A 408 29.90 -2.07 22.57
CA GLY A 408 31.06 -2.84 22.97
C GLY A 408 31.76 -2.46 24.29
N THR A 409 31.16 -1.56 25.10
CA THR A 409 31.82 -1.08 26.31
C THR A 409 31.70 -2.16 27.35
N ARG A 410 32.63 -2.11 28.31
CA ARG A 410 32.68 -3.01 29.43
C ARG A 410 31.33 -3.02 30.07
N GLU A 411 30.78 -1.82 30.26
CA GLU A 411 29.53 -1.68 31.00
C GLU A 411 28.43 -2.38 30.20
N PHE A 412 28.34 -2.07 28.90
CA PHE A 412 27.32 -2.65 28.03
C PHE A 412 27.42 -4.17 27.96
N LEU A 413 28.60 -4.71 27.70
CA LEU A 413 28.79 -6.17 27.69
C LEU A 413 28.42 -6.85 28.99
N ASP A 414 28.72 -6.19 30.12
CA ASP A 414 28.42 -6.78 31.42
C ASP A 414 26.92 -6.76 31.61
N ASN A 415 26.24 -5.73 31.13
CA ASN A 415 24.77 -5.71 31.24
C ASN A 415 24.14 -6.83 30.46
N ARG A 416 24.81 -7.29 29.39
CA ARG A 416 24.36 -8.42 28.62
C ARG A 416 24.83 -9.74 29.25
N LYS A 417 25.41 -9.67 30.47
CA LYS A 417 25.94 -10.89 31.15
C LYS A 417 27.10 -11.51 30.36
N LEU A 418 27.75 -10.69 29.53
CA LEU A 418 28.91 -11.11 28.80
C LEU A 418 30.18 -10.73 29.57
N PHE A 419 30.31 -11.21 30.81
CA PHE A 419 31.48 -10.81 31.66
C PHE A 419 32.85 -11.27 31.17
N HIS A 420 32.87 -12.30 30.35
CA HIS A 420 34.10 -12.90 29.83
C HIS A 420 34.36 -12.49 28.39
N ARG A 421 33.71 -11.41 27.99
CA ARG A 421 33.92 -10.86 26.70
C ARG A 421 34.82 -9.61 26.76
N GLU A 422 35.86 -9.61 25.93
CA GLU A 422 36.73 -8.45 25.78
C GLU A 422 35.94 -7.23 25.25
N VAL A 423 36.23 -6.04 25.78
CA VAL A 423 35.70 -4.75 25.28
C VAL A 423 35.73 -4.74 23.73
N ASN A 424 34.64 -4.34 23.10
CA ASN A 424 34.57 -4.26 21.65
C ASN A 424 34.60 -5.65 20.95
N ASP A 425 34.62 -6.75 21.72
CA ASP A 425 34.34 -8.03 21.10
C ASP A 425 32.83 -8.23 21.00
N LEU A 426 32.26 -7.94 19.84
CA LEU A 426 30.80 -7.89 19.73
C LEU A 426 30.11 -9.28 19.68
N GLY A 427 30.89 -10.33 19.59
CA GLY A 427 30.26 -11.66 19.57
C GLY A 427 29.78 -12.00 18.17
N PRO A 428 28.98 -13.06 18.04
CA PRO A 428 28.63 -13.61 16.71
C PRO A 428 27.49 -12.86 16.06
N ILE A 429 27.71 -11.57 15.80
CA ILE A 429 26.81 -10.64 15.08
C ILE A 429 26.92 -10.78 13.56
N TYR A 430 26.29 -9.87 12.79
CA TYR A 430 26.15 -9.95 11.31
C TYR A 430 27.27 -10.62 10.50
N GLY A 431 28.48 -10.09 10.63
CA GLY A 431 29.63 -10.53 9.85
C GLY A 431 29.79 -12.01 10.04
N PHE A 432 29.82 -12.39 11.32
CA PHE A 432 30.06 -13.76 11.70
C PHE A 432 28.97 -14.68 11.19
N GLN A 433 27.71 -14.23 11.25
CA GLN A 433 26.61 -15.04 10.77
C GLN A 433 26.59 -15.14 9.24
N TRP A 434 27.05 -14.11 8.56
CA TRP A 434 27.02 -14.07 7.11
C TRP A 434 28.08 -15.00 6.55
N ARG A 435 29.22 -15.04 7.22
CA ARG A 435 30.33 -15.90 6.79
C ARG A 435 30.44 -17.27 7.48
N HIS A 436 29.84 -17.43 8.67
CA HIS A 436 30.17 -18.60 9.51
C HIS A 436 28.97 -19.05 10.32
N PHE A 437 27.77 -18.91 9.79
CA PHE A 437 26.59 -19.32 10.54
C PHE A 437 26.73 -20.77 11.00
N GLY A 438 26.69 -20.97 12.33
CA GLY A 438 26.71 -22.27 12.96
C GLY A 438 28.04 -22.63 13.64
N ALA A 439 29.13 -21.97 13.27
CA ALA A 439 30.41 -22.12 13.99
C ALA A 439 30.24 -21.72 15.46
N GLU A 440 31.05 -22.32 16.32
CA GLU A 440 31.14 -21.91 17.71
C GLU A 440 31.98 -20.64 17.76
N TYR A 441 31.39 -19.60 18.28
CA TYR A 441 32.12 -18.38 18.46
C TYR A 441 33.04 -18.56 19.66
N THR A 442 34.27 -18.06 19.54
CA THR A 442 35.29 -18.12 20.58
C THR A 442 35.63 -16.69 21.02
N ASN A 443 36.50 -16.02 20.26
CA ASN A 443 36.76 -14.58 20.42
C ASN A 443 36.99 -13.91 19.05
N MET A 444 37.06 -12.59 19.04
CA MET A 444 37.09 -11.82 17.80
C MET A 444 38.33 -12.01 16.95
N TYR A 445 39.37 -12.60 17.53
CA TYR A 445 40.63 -12.80 16.82
C TYR A 445 40.78 -14.18 16.20
N ASP A 446 39.91 -15.11 16.60
CA ASP A 446 40.06 -16.45 16.11
C ASP A 446 40.01 -16.51 14.56
N ASN A 447 40.64 -17.52 14.02
CA ASN A 447 40.50 -17.77 12.60
C ASN A 447 39.32 -18.74 12.36
N TYR A 448 38.29 -18.28 11.67
CA TYR A 448 37.10 -19.11 11.46
C TYR A 448 36.98 -19.63 10.00
N GLU A 449 38.04 -19.47 9.19
CA GLU A 449 38.13 -19.99 7.82
C GLU A 449 37.51 -21.37 7.70
N ASN A 450 36.52 -21.49 6.80
CA ASN A 450 35.78 -22.71 6.52
C ASN A 450 35.00 -23.33 7.68
N LYS A 451 34.67 -22.53 8.69
CA LYS A 451 33.76 -23.00 9.75
C LYS A 451 32.40 -22.33 9.61
N GLY A 452 31.36 -23.15 9.77
CA GLY A 452 30.02 -22.68 9.62
C GLY A 452 29.66 -22.45 8.16
N VAL A 453 28.48 -21.86 7.98
CA VAL A 453 27.93 -21.75 6.65
C VAL A 453 28.26 -20.36 6.14
N ASP A 454 28.95 -20.32 5.00
CA ASP A 454 29.25 -19.04 4.34
C ASP A 454 28.07 -18.59 3.48
N GLN A 455 27.07 -18.06 4.15
CA GLN A 455 25.79 -17.68 3.53
C GLN A 455 26.00 -16.68 2.42
N LEU A 456 26.94 -15.78 2.63
CA LEU A 456 27.20 -14.73 1.66
C LEU A 456 27.67 -15.33 0.32
N LYS A 457 28.65 -16.23 0.38
CA LYS A 457 29.08 -16.93 -0.83
C LYS A 457 27.91 -17.73 -1.43
N ASN A 458 27.13 -18.38 -0.56
CA ASN A 458 26.05 -19.22 -1.05
C ASN A 458 25.03 -18.42 -1.86
N ILE A 459 24.65 -17.24 -1.35
CA ILE A 459 23.66 -16.45 -2.04
C ILE A 459 24.20 -15.88 -3.36
N ILE A 460 25.47 -15.48 -3.39
CA ILE A 460 26.12 -15.06 -4.65
C ILE A 460 26.14 -16.19 -5.69
N ASN A 461 26.50 -17.40 -5.25
CA ASN A 461 26.41 -18.57 -6.09
C ASN A 461 25.03 -18.83 -6.63
N LEU A 462 24.02 -18.68 -5.77
CA LEU A 462 22.65 -18.95 -6.17
C LEU A 462 22.13 -17.88 -7.12
N ILE A 463 22.51 -16.63 -6.90
CA ILE A 463 22.12 -15.58 -7.77
C ILE A 463 22.73 -15.83 -9.17
N LYS A 464 24.02 -16.18 -9.24
CA LYS A 464 24.69 -16.41 -10.54
C LYS A 464 24.14 -17.64 -11.28
N ASN A 465 23.87 -18.73 -10.54
CA ASN A 465 23.70 -20.06 -11.14
C ASN A 465 22.33 -20.69 -10.99
N ASP A 466 21.52 -20.20 -10.05
CA ASP A 466 20.11 -20.60 -9.97
C ASP A 466 19.24 -19.36 -9.68
N PRO A 467 19.25 -18.37 -10.59
CA PRO A 467 18.62 -17.07 -10.30
C PRO A 467 17.12 -17.13 -9.99
N THR A 468 16.44 -18.20 -10.39
CA THR A 468 15.00 -18.33 -10.22
C THR A 468 14.72 -19.03 -8.89
N SER A 469 15.74 -19.40 -8.15
CA SER A 469 15.54 -19.99 -6.78
C SER A 469 14.74 -19.00 -5.90
N ARG A 470 13.89 -19.54 -5.05
CA ARG A 470 13.14 -18.80 -4.06
C ARG A 470 13.75 -19.01 -2.65
N ARG A 471 15.05 -19.35 -2.60
CA ARG A 471 15.72 -19.65 -1.35
C ARG A 471 16.94 -18.79 -1.22
N ILE A 472 17.05 -17.76 -2.03
CA ILE A 472 18.23 -16.91 -1.93
C ILE A 472 18.05 -15.95 -0.74
N LEU A 473 18.38 -16.41 0.46
CA LEU A 473 18.19 -15.61 1.65
C LEU A 473 19.43 -15.56 2.47
N LEU A 474 19.73 -14.39 3.00
CA LEU A 474 20.84 -14.19 3.91
C LEU A 474 20.25 -13.90 5.28
N CYS A 475 20.47 -14.76 6.28
CA CYS A 475 19.82 -14.62 7.62
C CYS A 475 20.79 -14.39 8.76
N ALA A 476 20.53 -13.33 9.53
CA ALA A 476 21.42 -12.96 10.63
C ALA A 476 20.84 -13.40 11.97
N TRP A 477 19.52 -13.59 12.04
CA TRP A 477 18.87 -14.06 13.26
C TRP A 477 19.20 -15.52 13.58
N ASN A 478 20.34 -15.75 14.22
CA ASN A 478 20.72 -17.08 14.60
C ASN A 478 20.30 -17.33 16.05
N VAL A 479 19.22 -18.09 16.20
CA VAL A 479 18.48 -18.20 17.48
C VAL A 479 19.42 -18.68 18.60
N LYS A 480 20.34 -19.56 18.23
CA LYS A 480 21.28 -20.17 19.13
C LYS A 480 22.29 -19.19 19.69
N ASP A 481 22.66 -18.15 18.94
CA ASP A 481 23.74 -17.26 19.33
C ASP A 481 23.24 -15.92 19.80
N LEU A 482 21.92 -15.67 19.74
CA LEU A 482 21.42 -14.36 20.11
C LEU A 482 22.09 -13.83 21.41
N ASP A 483 22.12 -14.64 22.47
CA ASP A 483 22.56 -14.21 23.81
C ASP A 483 24.02 -13.88 23.85
N GLN A 484 24.76 -14.44 22.91
CA GLN A 484 26.19 -14.16 22.84
C GLN A 484 26.48 -12.91 22.01
N MET A 485 25.48 -12.39 21.32
CA MET A 485 25.67 -11.15 20.57
C MET A 485 25.58 -9.97 21.49
N ALA A 486 26.43 -8.96 21.24
CA ALA A 486 26.32 -7.71 21.99
C ALA A 486 24.86 -7.28 22.05
N LEU A 487 24.16 -7.40 20.93
CA LEU A 487 22.70 -7.30 20.93
C LEU A 487 22.14 -8.02 19.70
N PRO A 488 20.88 -8.48 19.78
CA PRO A 488 20.38 -9.23 18.62
C PRO A 488 20.17 -8.34 17.38
N PRO A 489 20.35 -8.90 16.18
CA PRO A 489 20.27 -8.09 14.94
C PRO A 489 18.88 -7.45 14.76
N CYS A 490 18.86 -6.21 14.27
CA CYS A 490 17.60 -5.61 13.85
C CYS A 490 17.24 -6.04 12.43
N HIS A 491 18.26 -6.22 11.59
CA HIS A 491 17.99 -6.54 10.16
C HIS A 491 18.11 -8.01 10.01
N ILE A 492 16.97 -8.66 9.99
CA ILE A 492 16.86 -10.07 10.26
C ILE A 492 17.32 -10.87 9.03
N LEU A 493 16.88 -10.47 7.84
CA LEU A 493 17.17 -11.24 6.64
C LEU A 493 17.09 -10.40 5.38
N CYS A 494 17.79 -10.88 4.35
CA CYS A 494 17.69 -10.38 2.98
C CYS A 494 17.22 -11.48 2.10
N GLN A 495 16.20 -11.19 1.31
CA GLN A 495 15.82 -12.15 0.27
C GLN A 495 16.02 -11.52 -1.09
N PHE A 496 16.59 -12.29 -2.03
CA PHE A 496 16.93 -11.72 -3.35
C PHE A 496 16.03 -12.27 -4.43
N TYR A 497 15.84 -11.49 -5.47
CA TYR A 497 14.99 -11.88 -6.59
C TYR A 497 15.67 -11.41 -7.87
N VAL A 498 15.74 -12.31 -8.83
CA VAL A 498 16.33 -12.06 -10.14
C VAL A 498 15.26 -12.27 -11.19
N PHE A 499 15.10 -11.27 -12.06
CA PHE A 499 14.31 -11.37 -13.30
C PHE A 499 14.98 -10.54 -14.40
N ASP A 500 15.16 -11.12 -15.59
CA ASP A 500 15.55 -10.34 -16.77
C ASP A 500 16.84 -9.54 -16.54
N GLY A 501 17.89 -10.20 -16.01
CA GLY A 501 19.14 -9.50 -15.70
C GLY A 501 19.08 -8.41 -14.61
N LYS A 502 18.02 -8.43 -13.80
CA LYS A 502 17.88 -7.46 -12.73
C LYS A 502 17.68 -8.04 -11.32
N LEU A 503 18.40 -7.44 -10.38
CA LEU A 503 18.39 -7.86 -8.98
C LEU A 503 17.53 -6.96 -8.08
N SER A 504 16.60 -7.58 -7.37
CA SER A 504 15.85 -6.92 -6.34
C SER A 504 16.17 -7.58 -5.01
N CYS A 505 15.93 -6.84 -3.93
CA CYS A 505 16.26 -7.26 -2.55
C CYS A 505 15.16 -6.83 -1.55
N ILE A 506 14.59 -7.78 -0.81
CA ILE A 506 13.78 -7.48 0.36
C ILE A 506 14.62 -7.63 1.63
N MET A 507 14.63 -6.58 2.47
CA MET A 507 15.23 -6.71 3.80
C MET A 507 14.13 -6.60 4.82
N TYR A 508 14.04 -7.56 5.73
CA TYR A 508 13.04 -7.49 6.80
C TYR A 508 13.68 -6.98 8.09
N GLN A 509 13.11 -5.92 8.67
CA GLN A 509 13.70 -5.31 9.87
C GLN A 509 12.75 -5.40 11.03
N ARG A 510 13.17 -6.11 12.08
CA ARG A 510 12.27 -6.44 13.20
C ARG A 510 12.02 -5.22 14.06
N SER A 511 12.98 -4.32 14.06
CA SER A 511 12.90 -3.19 14.94
C SER A 511 13.48 -1.99 14.28
N CYS A 512 12.67 -0.93 14.16
CA CYS A 512 13.02 0.18 13.26
C CYS A 512 12.86 1.51 13.97
N ASP A 513 13.99 2.11 14.29
CA ASP A 513 14.07 3.44 14.82
C ASP A 513 13.88 4.41 13.64
N LEU A 514 12.65 4.92 13.48
CA LEU A 514 12.38 5.80 12.34
C LEU A 514 13.23 7.06 12.24
N GLY A 515 13.37 7.79 13.35
CA GLY A 515 14.17 9.01 13.32
C GLY A 515 15.64 8.83 13.01
N LEU A 516 16.28 7.83 13.60
CA LEU A 516 17.75 7.68 13.43
C LEU A 516 18.22 6.53 12.58
N GLY A 517 17.73 5.33 12.88
CA GLY A 517 18.24 4.13 12.22
C GLY A 517 17.80 4.00 10.75
N VAL A 518 16.49 3.95 10.53
CA VAL A 518 15.90 3.71 9.20
C VAL A 518 16.55 4.50 8.03
N PRO A 519 16.84 5.81 8.19
CA PRO A 519 17.43 6.45 6.98
C PRO A 519 18.77 5.83 6.63
N PHE A 520 19.56 5.49 7.65
CA PHE A 520 20.84 4.82 7.38
C PHE A 520 20.59 3.44 6.79
N ASN A 521 19.59 2.73 7.30
CA ASN A 521 19.38 1.31 6.96
C ASN A 521 18.89 1.18 5.49
N ILE A 522 18.08 2.14 5.06
CA ILE A 522 17.75 2.26 3.65
C ILE A 522 19.02 2.43 2.81
N ALA A 523 19.91 3.37 3.19
CA ALA A 523 21.19 3.51 2.48
C ALA A 523 22.03 2.26 2.45
N SER A 524 22.12 1.55 3.58
CA SER A 524 23.00 0.40 3.67
C SER A 524 22.59 -0.69 2.71
N TYR A 525 21.30 -1.04 2.74
CA TYR A 525 20.82 -2.16 1.97
C TYR A 525 20.62 -1.83 0.49
N SER A 526 20.46 -0.54 0.18
CA SER A 526 20.58 -0.04 -1.17
C SER A 526 22.02 -0.21 -1.71
N ILE A 527 23.04 0.21 -0.95
CA ILE A 527 24.46 -0.02 -1.35
C ILE A 527 24.71 -1.52 -1.58
N PHE A 528 24.23 -2.34 -0.63
CA PHE A 528 24.48 -3.79 -0.66
C PHE A 528 23.77 -4.41 -1.84
N THR A 529 22.56 -3.96 -2.18
CA THR A 529 21.93 -4.40 -3.43
C THR A 529 22.83 -4.08 -4.68
N HIS A 530 23.40 -2.88 -4.75
CA HIS A 530 24.28 -2.50 -5.86
C HIS A 530 25.53 -3.38 -5.89
N MET A 531 26.18 -3.53 -4.73
CA MET A 531 27.34 -4.44 -4.63
C MET A 531 27.01 -5.84 -5.11
N ILE A 532 25.97 -6.45 -4.56
CA ILE A 532 25.61 -7.81 -4.93
C ILE A 532 25.25 -7.93 -6.41
N ALA A 533 24.50 -6.95 -6.92
CA ALA A 533 24.11 -6.93 -8.34
C ALA A 533 25.38 -6.86 -9.18
N GLN A 534 26.27 -5.93 -8.84
CA GLN A 534 27.47 -5.78 -9.70
C GLN A 534 28.32 -7.06 -9.77
N VAL A 535 28.62 -7.67 -8.61
CA VAL A 535 29.50 -8.87 -8.63
C VAL A 535 28.79 -10.05 -9.28
N CYS A 536 27.48 -9.90 -9.50
CA CYS A 536 26.69 -10.93 -10.17
C CYS A 536 26.32 -10.59 -11.65
N ASN A 537 26.94 -9.54 -12.20
CA ASN A 537 26.62 -9.09 -13.56
C ASN A 537 25.12 -8.82 -13.81
N LEU A 538 24.47 -8.20 -12.82
CA LEU A 538 23.07 -7.82 -12.96
C LEU A 538 22.96 -6.33 -12.71
N GLN A 539 21.81 -5.76 -13.06
CA GLN A 539 21.51 -4.35 -12.74
C GLN A 539 20.61 -4.38 -11.50
N PRO A 540 20.87 -3.46 -10.57
CA PRO A 540 19.95 -3.37 -9.42
C PRO A 540 18.56 -2.89 -9.84
N ALA A 541 17.50 -3.51 -9.32
CA ALA A 541 16.14 -3.01 -9.51
C ALA A 541 15.55 -2.43 -8.19
N GLN A 542 14.74 -3.18 -7.46
CA GLN A 542 14.11 -2.61 -6.27
C GLN A 542 14.82 -3.02 -4.98
N PHE A 543 15.05 -2.05 -4.09
CA PHE A 543 15.22 -2.36 -2.64
C PHE A 543 13.89 -2.23 -1.98
N ILE A 544 13.40 -3.33 -1.41
CA ILE A 544 12.12 -3.36 -0.73
C ILE A 544 12.32 -3.55 0.81
N HIS A 545 11.79 -2.62 1.59
CA HIS A 545 12.17 -2.52 3.04
C HIS A 545 10.95 -2.83 3.85
N VAL A 546 10.99 -3.94 4.57
CA VAL A 546 9.85 -4.39 5.36
C VAL A 546 10.10 -4.05 6.85
N LEU A 547 9.18 -3.27 7.43
CA LEU A 547 9.28 -2.85 8.82
C LEU A 547 8.33 -3.64 9.69
N GLY A 548 8.92 -4.27 10.70
CA GLY A 548 8.12 -4.92 11.74
C GLY A 548 7.72 -3.88 12.76
N ASN A 549 8.45 -3.83 13.86
CA ASN A 549 8.11 -2.84 14.93
C ASN A 549 8.69 -1.53 14.53
N ALA A 550 7.83 -0.64 14.06
CA ALA A 550 8.31 0.67 13.58
C ALA A 550 7.95 1.71 14.63
N HIS A 551 8.94 2.47 15.06
CA HIS A 551 8.69 3.31 16.24
C HIS A 551 9.37 4.63 16.13
N VAL A 552 8.72 5.66 16.66
CA VAL A 552 9.32 6.99 16.76
C VAL A 552 9.66 7.27 18.23
N TYR A 553 10.92 7.52 18.52
CA TYR A 553 11.29 7.83 19.91
C TYR A 553 10.75 9.20 20.31
N ASN A 554 10.37 9.35 21.58
CA ASN A 554 9.77 10.65 22.04
C ASN A 554 10.74 11.79 21.97
N ASN A 555 12.02 11.55 22.24
CA ASN A 555 13.00 12.64 22.08
C ASN A 555 13.24 13.01 20.62
N HIS A 556 12.51 12.38 19.68
CA HIS A 556 12.71 12.64 18.23
C HIS A 556 11.58 13.42 17.63
N ILE A 557 10.45 13.46 18.33
CA ILE A 557 9.20 14.07 17.85
C ILE A 557 9.32 15.50 17.28
N ASP A 558 10.00 16.38 18.00
CA ASP A 558 10.09 17.77 17.60
C ASP A 558 10.99 17.88 16.36
N SER A 559 12.11 17.18 16.36
CA SER A 559 12.96 17.15 15.20
C SER A 559 12.24 16.63 13.93
N LEU A 560 11.39 15.61 14.06
CA LEU A 560 10.68 15.06 12.91
C LEU A 560 9.53 15.98 12.41
N LYS A 561 8.96 16.77 13.32
CA LYS A 561 8.02 17.84 12.94
C LYS A 561 8.70 18.84 12.03
N ILE A 562 9.94 19.18 12.35
CA ILE A 562 10.71 20.02 11.47
C ILE A 562 10.92 19.31 10.12
N GLN A 563 11.29 18.02 10.18
CA GLN A 563 11.70 17.28 8.97
C GLN A 563 10.55 17.12 8.00
N LEU A 564 9.35 16.88 8.50
CA LEU A 564 8.20 16.55 7.65
C LEU A 564 7.59 17.74 6.90
N ASN A 565 8.18 18.91 7.13
CA ASN A 565 7.72 20.17 6.55
C ASN A 565 8.77 20.70 5.59
N ARG A 566 9.86 19.95 5.47
CA ARG A 566 10.81 20.10 4.41
C ARG A 566 10.38 19.30 3.16
N ILE A 567 10.67 19.85 1.97
CA ILE A 567 10.29 19.23 0.69
C ILE A 567 11.53 18.56 0.11
N PRO A 568 11.41 17.26 -0.21
CA PRO A 568 12.57 16.54 -0.77
C PRO A 568 13.09 17.16 -2.04
N TYR A 569 14.41 16.98 -2.27
CA TYR A 569 15.10 17.25 -3.50
C TYR A 569 15.25 15.98 -4.39
N PRO A 570 15.54 16.17 -5.70
CA PRO A 570 15.72 14.96 -6.47
C PRO A 570 16.83 14.19 -5.83
N PHE A 571 16.69 12.87 -5.79
CA PHE A 571 17.66 12.00 -5.13
C PHE A 571 19.01 12.05 -5.82
N PRO A 572 20.06 11.64 -5.12
CA PRO A 572 21.37 11.51 -5.75
C PRO A 572 21.53 10.16 -6.45
N THR A 573 22.73 9.93 -6.99
CA THR A 573 23.13 8.63 -7.53
C THR A 573 24.34 8.02 -6.82
N LEU A 574 24.42 6.70 -6.91
CA LEU A 574 25.55 5.93 -6.41
C LEU A 574 26.38 5.35 -7.56
N LYS A 575 27.68 5.63 -7.56
CA LYS A 575 28.56 4.97 -8.51
C LYS A 575 29.54 4.05 -7.83
N LEU A 576 29.60 2.80 -8.33
CA LEU A 576 30.56 1.83 -7.88
C LEU A 576 31.65 1.71 -8.93
N ASN A 577 32.88 1.54 -8.45
CA ASN A 577 33.97 1.17 -9.31
C ASN A 577 33.61 -0.09 -10.10
N PRO A 578 33.58 0.02 -11.46
CA PRO A 578 33.00 -1.09 -12.25
C PRO A 578 33.94 -2.29 -12.35
N ASP A 579 35.20 -2.09 -11.98
CA ASP A 579 36.22 -3.12 -12.02
C ASP A 579 36.11 -4.13 -10.88
N ILE A 580 35.33 -3.82 -9.83
CA ILE A 580 35.17 -4.75 -8.72
C ILE A 580 34.20 -5.84 -9.09
N LYS A 581 34.73 -7.05 -9.21
CA LYS A 581 33.93 -8.21 -9.65
C LYS A 581 33.72 -9.30 -8.59
N ASN A 582 34.32 -9.15 -7.41
CA ASN A 582 34.09 -10.07 -6.28
C ASN A 582 33.69 -9.28 -5.02
N ILE A 583 32.63 -9.75 -4.33
CA ILE A 583 32.08 -9.08 -3.11
C ILE A 583 33.10 -8.66 -2.05
N GLU A 584 34.23 -9.38 -1.98
CA GLU A 584 35.27 -9.15 -0.97
C GLU A 584 36.26 -8.04 -1.38
N ASP A 585 36.24 -7.70 -2.66
CA ASP A 585 37.25 -6.82 -3.20
C ASP A 585 36.89 -5.36 -3.11
N PHE A 586 35.77 -5.02 -2.49
CA PHE A 586 35.39 -3.61 -2.40
C PHE A 586 36.18 -2.92 -1.30
N THR A 587 36.50 -1.63 -1.51
CA THR A 587 37.12 -0.75 -0.50
C THR A 587 36.34 0.57 -0.55
N ILE A 588 36.57 1.43 0.45
CA ILE A 588 35.77 2.65 0.62
C ILE A 588 35.79 3.61 -0.61
N SER A 589 36.87 3.57 -1.38
CA SER A 589 37.06 4.57 -2.43
C SER A 589 36.48 4.05 -3.74
N ASP A 590 35.96 2.82 -3.68
CA ASP A 590 35.13 2.28 -4.77
C ASP A 590 33.68 2.77 -4.80
N PHE A 591 33.31 3.69 -3.91
CA PHE A 591 31.93 4.16 -3.84
C PHE A 591 31.88 5.67 -3.92
N THR A 592 31.08 6.22 -4.84
CA THR A 592 30.79 7.65 -4.76
C THR A 592 29.31 7.99 -4.89
N ILE A 593 28.89 8.92 -4.05
CA ILE A 593 27.57 9.53 -4.11
C ILE A 593 27.68 10.79 -4.98
N GLN A 594 26.76 10.92 -5.93
CA GLN A 594 26.85 11.99 -6.91
C GLN A 594 25.62 12.79 -6.80
N ASN A 595 25.80 14.11 -6.66
CA ASN A 595 24.72 15.04 -6.77
C ASN A 595 23.78 15.01 -5.62
N TYR A 596 24.35 14.86 -4.43
CA TYR A 596 23.52 14.86 -3.22
C TYR A 596 23.14 16.29 -2.92
N VAL A 597 21.84 16.58 -3.03
CA VAL A 597 21.30 17.88 -2.67
C VAL A 597 20.43 17.62 -1.45
N HIS A 598 20.66 18.33 -0.37
CA HIS A 598 19.90 18.00 0.86
C HIS A 598 19.63 19.24 1.67
N HIS A 599 18.57 19.20 2.47
CA HIS A 599 18.38 20.15 3.55
C HIS A 599 19.47 20.01 4.65
N GLU A 600 19.35 20.86 5.67
CA GLU A 600 20.38 20.95 6.71
C GLU A 600 20.32 19.74 7.62
N LYS A 601 21.49 19.26 8.01
CA LYS A 601 21.68 18.41 9.20
C LYS A 601 20.70 18.78 10.32
N ILE A 602 19.98 17.79 10.83
CA ILE A 602 19.19 17.93 12.04
C ILE A 602 19.84 17.07 13.12
N SER A 603 19.98 17.60 14.34
CA SER A 603 20.23 16.74 15.50
C SER A 603 18.88 16.25 15.97
N MET A 604 18.71 14.94 16.08
CA MET A 604 17.38 14.39 16.43
C MET A 604 16.90 14.73 17.85
N ASP A 605 17.85 14.92 18.78
CA ASP A 605 17.59 15.56 20.09
C ASP A 605 17.90 17.06 20.07
N MET B 1 -34.96 5.90 -26.14
CA MET B 1 -36.38 6.31 -25.90
C MET B 1 -36.58 7.05 -24.55
N MET B 2 -37.79 6.98 -23.98
CA MET B 2 -38.16 7.72 -22.76
C MET B 2 -37.63 7.05 -21.46
N GLU B 3 -36.80 7.80 -20.74
CA GLU B 3 -36.07 7.33 -19.54
C GLU B 3 -36.96 7.06 -18.32
N GLN B 4 -36.49 6.19 -17.43
CA GLN B 4 -37.37 5.45 -16.51
C GLN B 4 -37.66 6.12 -15.15
N VAL B 5 -38.76 5.69 -14.53
CA VAL B 5 -39.33 6.29 -13.32
C VAL B 5 -38.34 6.33 -12.15
N CYS B 6 -37.68 5.20 -11.89
CA CYS B 6 -36.70 5.07 -10.79
C CYS B 6 -35.42 5.83 -11.09
N ASP B 7 -35.09 5.94 -12.38
CA ASP B 7 -33.97 6.75 -12.87
C ASP B 7 -34.27 8.26 -12.69
N VAL B 8 -35.54 8.60 -12.47
CA VAL B 8 -35.98 9.99 -12.29
C VAL B 8 -36.14 10.32 -10.80
N PHE B 9 -36.87 9.46 -10.09
CA PHE B 9 -37.23 9.72 -8.70
C PHE B 9 -36.25 9.12 -7.67
N ASP B 10 -35.19 8.45 -8.17
CA ASP B 10 -34.14 7.81 -7.33
C ASP B 10 -34.71 6.95 -6.19
N ILE B 11 -35.28 5.82 -6.58
CA ILE B 11 -35.95 4.94 -5.66
C ILE B 11 -35.01 3.80 -5.35
N TYR B 12 -34.71 3.64 -4.07
CA TYR B 12 -33.78 2.63 -3.59
C TYR B 12 -34.43 1.74 -2.54
N ALA B 13 -34.06 0.46 -2.56
CA ALA B 13 -34.29 -0.44 -1.43
C ALA B 13 -33.10 -0.47 -0.45
N ILE B 14 -33.40 -0.63 0.82
CA ILE B 14 -32.39 -0.91 1.82
C ILE B 14 -32.90 -1.95 2.82
N CYS B 15 -32.21 -3.10 2.85
CA CYS B 15 -32.53 -4.19 3.79
C CYS B 15 -31.32 -4.70 4.58
N ALA B 16 -31.63 -5.56 5.56
CA ALA B 16 -30.69 -6.46 6.17
C ALA B 16 -31.31 -7.87 6.16
N CYS B 17 -30.57 -8.84 5.66
CA CYS B 17 -31.05 -10.20 5.59
C CYS B 17 -30.08 -11.19 6.22
N CYS B 18 -30.65 -12.15 6.95
CA CYS B 18 -29.83 -13.18 7.59
C CYS B 18 -29.94 -14.51 6.86
N LYS B 19 -29.28 -15.54 7.39
CA LYS B 19 -29.49 -16.88 6.89
C LYS B 19 -30.66 -17.54 7.66
N VAL B 20 -31.28 -18.52 7.03
CA VAL B 20 -32.51 -19.13 7.58
C VAL B 20 -32.39 -20.62 7.91
N GLU B 21 -33.25 -21.09 8.82
CA GLU B 21 -33.30 -22.50 9.23
C GLU B 21 -33.72 -23.44 8.09
N ASN B 29 -22.45 -29.78 3.87
CA ASN B 29 -22.60 -30.19 2.48
C ASN B 29 -23.52 -29.27 1.66
N GLU B 30 -23.97 -28.16 2.26
CA GLU B 30 -24.86 -27.21 1.56
C GLU B 30 -24.15 -26.31 0.53
N VAL B 31 -24.89 -25.97 -0.52
CA VAL B 31 -24.42 -25.04 -1.53
C VAL B 31 -24.90 -23.68 -1.08
N PHE B 32 -24.14 -22.65 -1.43
CA PHE B 32 -24.48 -21.29 -1.05
C PHE B 32 -24.58 -20.42 -2.28
N ASN B 33 -25.40 -19.37 -2.17
CA ASN B 33 -25.51 -18.29 -3.17
C ASN B 33 -26.01 -16.99 -2.53
N ASN B 34 -26.28 -15.97 -3.34
CA ASN B 34 -26.77 -14.70 -2.79
C ASN B 34 -28.10 -14.90 -2.06
N TYR B 35 -28.94 -15.78 -2.64
CA TYR B 35 -30.21 -16.20 -2.04
C TYR B 35 -30.14 -16.68 -0.59
N THR B 36 -28.96 -17.13 -0.14
CA THR B 36 -28.71 -17.60 1.23
C THR B 36 -29.03 -16.53 2.28
N PHE B 37 -28.71 -15.27 1.96
CA PHE B 37 -29.06 -14.17 2.85
C PHE B 37 -30.41 -13.61 2.39
N ARG B 38 -31.46 -13.92 3.15
CA ARG B 38 -32.84 -13.63 2.76
C ARG B 38 -33.75 -13.41 3.97
N GLY B 39 -33.16 -13.48 5.15
CA GLY B 39 -33.94 -13.44 6.38
C GLY B 39 -34.27 -12.04 6.84
N LEU B 40 -35.56 -11.70 6.75
CA LEU B 40 -36.04 -10.34 6.96
C LEU B 40 -36.72 -10.17 8.31
N GLY B 41 -37.62 -11.08 8.65
CA GLY B 41 -38.48 -10.89 9.82
C GLY B 41 -39.07 -12.15 10.42
N ASN B 42 -39.54 -12.02 11.66
CA ASN B 42 -40.13 -13.13 12.43
C ASN B 42 -40.97 -12.60 13.58
N LYS B 43 -42.15 -13.21 13.79
CA LYS B 43 -43.09 -12.80 14.86
C LYS B 43 -43.58 -11.37 14.66
N GLY B 44 -43.50 -10.88 13.42
CA GLY B 44 -43.69 -9.45 13.13
C GLY B 44 -42.62 -8.52 13.69
N VAL B 45 -41.47 -9.07 14.09
CA VAL B 45 -40.27 -8.30 14.46
C VAL B 45 -39.01 -8.79 13.71
N LEU B 46 -37.85 -8.24 14.08
CA LEU B 46 -36.56 -8.62 13.50
C LEU B 46 -36.12 -9.98 14.03
N PRO B 47 -35.50 -10.82 13.17
CA PRO B 47 -34.97 -12.14 13.58
C PRO B 47 -33.92 -12.12 14.71
N TRP B 48 -33.17 -11.03 14.82
CA TRP B 48 -32.05 -10.92 15.76
C TRP B 48 -32.34 -9.91 16.85
N LYS B 49 -31.58 -9.98 17.94
CA LYS B 49 -31.81 -9.15 19.12
C LYS B 49 -31.62 -7.64 18.86
N CYS B 50 -30.48 -7.27 18.27
CA CYS B 50 -30.12 -5.89 17.88
C CYS B 50 -28.79 -5.98 17.14
N ILE B 51 -28.71 -5.39 15.95
CA ILE B 51 -27.42 -5.33 15.22
C ILE B 51 -26.94 -3.89 15.01
N SER B 52 -26.35 -3.33 16.08
CA SER B 52 -25.91 -1.93 16.16
C SER B 52 -25.40 -1.35 14.87
N LEU B 53 -24.40 -2.02 14.28
CA LEU B 53 -23.63 -1.38 13.22
C LEU B 53 -24.49 -1.15 12.00
N ASP B 54 -25.31 -2.14 11.70
CA ASP B 54 -26.19 -2.05 10.56
C ASP B 54 -27.19 -0.92 10.76
N MET B 55 -27.72 -0.81 11.99
CA MET B 55 -28.56 0.30 12.43
C MET B 55 -27.88 1.64 12.25
N LYS B 56 -26.59 1.71 12.53
CA LYS B 56 -25.83 2.95 12.38
C LYS B 56 -25.69 3.24 10.90
N TYR B 57 -25.54 2.17 10.10
CA TYR B 57 -25.43 2.26 8.65
C TYR B 57 -26.75 2.72 8.07
N PHE B 58 -27.81 2.03 8.47
CA PHE B 58 -29.19 2.36 8.12
C PHE B 58 -29.51 3.85 8.30
N ARG B 59 -29.46 4.35 9.54
CA ARG B 59 -29.55 5.80 9.77
C ARG B 59 -28.70 6.58 8.75
N ALA B 60 -27.38 6.39 8.81
CA ALA B 60 -26.45 7.17 7.96
C ALA B 60 -26.78 7.18 6.46
N VAL B 61 -27.20 6.05 5.91
CA VAL B 61 -27.54 5.96 4.49
C VAL B 61 -28.81 6.76 4.18
N THR B 62 -29.88 6.45 4.91
CA THR B 62 -31.19 7.08 4.72
C THR B 62 -31.30 8.56 5.17
N THR B 63 -30.44 9.02 6.09
CA THR B 63 -30.43 10.44 6.46
C THR B 63 -29.53 11.35 5.61
N TYR B 64 -28.59 10.77 4.86
CA TYR B 64 -27.62 11.59 4.12
C TYR B 64 -28.27 12.25 2.93
N VAL B 65 -27.99 13.55 2.82
CA VAL B 65 -28.29 14.34 1.62
C VAL B 65 -27.05 15.19 1.25
N ASN B 66 -26.81 15.35 -0.05
CA ASN B 66 -25.85 16.32 -0.56
C ASN B 66 -26.65 17.45 -1.23
N GLU B 67 -26.72 18.60 -0.55
CA GLU B 67 -27.54 19.74 -0.98
C GLU B 67 -27.16 20.25 -2.36
N SER B 68 -25.88 20.51 -2.55
CA SER B 68 -25.31 20.96 -3.83
C SER B 68 -25.29 19.88 -4.94
N LYS B 69 -26.36 19.08 -4.98
CA LYS B 69 -26.52 17.99 -5.94
C LYS B 69 -28.01 17.77 -6.14
N TYR B 70 -28.80 18.47 -5.32
CA TYR B 70 -30.23 18.54 -5.51
C TYR B 70 -30.59 19.29 -6.79
N GLU B 71 -29.75 20.26 -7.17
CA GLU B 71 -30.02 21.10 -8.33
C GLU B 71 -30.29 20.30 -9.61
N LYS B 72 -29.40 19.36 -9.92
CA LYS B 72 -29.59 18.44 -11.05
C LYS B 72 -30.82 17.54 -10.87
N LEU B 73 -31.08 17.12 -9.63
CA LEU B 73 -32.22 16.23 -9.32
C LEU B 73 -33.55 16.98 -9.39
N LYS B 74 -33.54 18.25 -8.98
CA LYS B 74 -34.64 19.18 -9.23
C LYS B 74 -34.89 19.30 -10.73
N TYR B 75 -33.83 19.63 -11.50
CA TYR B 75 -33.88 19.72 -12.96
C TYR B 75 -34.63 18.55 -13.63
N LYS B 76 -34.28 17.32 -13.27
CA LYS B 76 -34.81 16.12 -13.93
C LYS B 76 -36.28 15.84 -13.59
N ARG B 77 -36.65 16.03 -12.31
CA ARG B 77 -37.96 15.67 -11.75
C ARG B 77 -39.09 16.65 -12.09
N CYS B 78 -38.73 17.90 -12.37
CA CYS B 78 -39.66 18.90 -12.88
C CYS B 78 -39.89 18.67 -14.37
N LYS B 79 -38.78 18.57 -15.14
CA LYS B 79 -38.82 18.20 -16.56
C LYS B 79 -39.74 17.01 -16.82
N TYR B 80 -39.68 16.02 -15.92
CA TYR B 80 -40.60 14.89 -15.94
C TYR B 80 -41.96 15.25 -15.34
N LYS B 96 -37.62 24.84 3.20
CA LYS B 96 -36.24 24.67 3.74
C LYS B 96 -35.96 23.21 4.18
N LYS B 97 -34.69 22.94 4.53
CA LYS B 97 -34.22 21.67 5.14
C LYS B 97 -34.44 20.40 4.30
N LEU B 98 -33.61 20.23 3.28
CA LEU B 98 -33.72 19.11 2.34
C LEU B 98 -33.53 17.74 3.02
N GLN B 99 -34.46 16.83 2.76
CA GLN B 99 -34.47 15.49 3.40
C GLN B 99 -34.76 14.33 2.41
N ASN B 100 -34.78 13.10 2.91
CA ASN B 100 -35.03 11.88 2.09
C ASN B 100 -36.43 11.31 2.36
N VAL B 101 -36.99 10.66 1.34
CA VAL B 101 -38.24 9.92 1.52
C VAL B 101 -37.92 8.49 1.95
N VAL B 102 -38.34 8.15 3.16
CA VAL B 102 -38.31 6.77 3.62
C VAL B 102 -39.71 6.14 3.53
N VAL B 103 -39.84 5.07 2.75
CA VAL B 103 -41.12 4.39 2.57
C VAL B 103 -41.16 3.08 3.36
N MET B 104 -42.22 2.92 4.15
CA MET B 104 -42.44 1.71 4.93
C MET B 104 -43.89 1.21 4.85
N GLY B 105 -44.06 -0.09 4.93
CA GLY B 105 -45.38 -0.72 5.02
C GLY B 105 -45.95 -0.64 6.43
N ARG B 106 -47.20 -1.06 6.57
CA ARG B 106 -47.91 -0.91 7.83
C ARG B 106 -47.24 -1.73 8.94
N THR B 107 -47.06 -3.03 8.70
CA THR B 107 -46.43 -3.93 9.71
C THR B 107 -45.09 -3.36 10.23
N ASN B 108 -44.28 -2.84 9.30
CA ASN B 108 -43.01 -2.19 9.62
C ASN B 108 -43.16 -0.91 10.44
N TRP B 109 -44.15 -0.09 10.09
CA TRP B 109 -44.43 1.12 10.86
C TRP B 109 -44.85 0.76 12.29
N GLU B 110 -45.71 -0.24 12.41
CA GLU B 110 -46.12 -0.82 13.71
C GLU B 110 -44.95 -1.49 14.46
N SER B 111 -44.00 -2.04 13.71
CA SER B 111 -42.82 -2.70 14.29
C SER B 111 -41.93 -1.78 15.13
N ILE B 112 -41.86 -0.51 14.74
CA ILE B 112 -40.97 0.45 15.42
C ILE B 112 -41.64 1.04 16.68
N PRO B 113 -40.94 1.02 17.84
CA PRO B 113 -41.39 1.77 19.02
C PRO B 113 -41.46 3.29 18.76
N LYS B 114 -42.29 3.99 19.50
CA LYS B 114 -42.63 5.37 19.18
C LYS B 114 -41.64 6.43 19.72
N LYS B 115 -40.58 5.97 20.38
CA LYS B 115 -39.43 6.81 20.75
C LYS B 115 -38.85 7.49 19.52
N PHE B 116 -38.76 6.73 18.43
CA PHE B 116 -38.05 7.12 17.21
C PHE B 116 -39.02 7.56 16.12
N LYS B 117 -40.20 6.94 16.10
CA LYS B 117 -41.31 7.36 15.23
C LYS B 117 -41.74 8.82 15.49
N PRO B 118 -41.91 9.60 14.44
CA PRO B 118 -41.54 9.20 13.07
C PRO B 118 -40.05 9.48 12.79
N LEU B 119 -39.43 8.56 12.06
CA LEU B 119 -37.98 8.52 11.87
C LEU B 119 -37.31 9.88 11.70
N SER B 120 -36.37 10.14 12.61
CA SER B 120 -35.59 11.38 12.69
C SER B 120 -34.99 11.85 11.36
N ASN B 121 -35.24 13.13 11.04
CA ASN B 121 -34.66 13.82 9.88
C ASN B 121 -35.10 13.33 8.49
N ARG B 122 -36.18 12.57 8.41
CA ARG B 122 -36.63 12.02 7.14
C ARG B 122 -38.13 12.20 6.91
N ILE B 123 -38.53 12.17 5.63
CA ILE B 123 -39.94 12.28 5.27
C ILE B 123 -40.62 10.90 5.34
N ASN B 124 -41.15 10.63 6.53
CA ASN B 124 -41.85 9.39 6.82
C ASN B 124 -43.13 9.25 6.01
N VAL B 125 -43.26 8.11 5.32
CA VAL B 125 -44.36 7.86 4.40
C VAL B 125 -44.80 6.40 4.55
N ILE B 126 -46.02 6.22 5.08
CA ILE B 126 -46.56 4.89 5.37
C ILE B 126 -47.51 4.45 4.27
N LEU B 127 -47.40 3.19 3.87
CA LEU B 127 -48.11 2.67 2.71
C LEU B 127 -49.15 1.65 3.16
N SER B 128 -50.32 2.14 3.59
CA SER B 128 -51.42 1.30 4.12
C SER B 128 -52.77 1.54 3.42
N ARG B 129 -53.33 0.48 2.82
CA ARG B 129 -54.65 0.56 2.17
C ARG B 129 -55.82 0.51 3.18
N THR B 130 -55.50 0.59 4.47
CA THR B 130 -56.50 0.66 5.52
C THR B 130 -56.35 1.87 6.45
N LEU B 131 -55.13 2.42 6.58
CA LEU B 131 -54.82 3.35 7.67
C LEU B 131 -55.63 4.64 7.65
N LYS B 132 -56.32 4.88 8.78
CA LYS B 132 -57.05 6.13 9.05
C LYS B 132 -56.12 7.33 8.82
N LYS B 133 -56.25 7.90 7.61
CA LYS B 133 -55.37 8.96 7.09
C LYS B 133 -55.18 10.13 8.07
N GLU B 134 -56.27 10.60 8.69
CA GLU B 134 -56.27 11.79 9.54
C GLU B 134 -55.66 11.53 10.94
N ASP B 135 -54.38 11.15 10.96
CA ASP B 135 -53.60 11.03 12.19
C ASP B 135 -52.27 11.73 12.03
N PHE B 136 -51.99 12.68 12.95
CA PHE B 136 -50.73 13.47 13.01
C PHE B 136 -50.27 14.07 11.66
N ASP B 137 -51.23 14.52 10.85
CA ASP B 137 -51.01 14.79 9.41
C ASP B 137 -50.21 16.07 9.03
N GLU B 138 -49.19 16.41 9.84
CA GLU B 138 -48.23 17.46 9.48
C GLU B 138 -47.14 16.88 8.56
N ASP B 139 -46.48 15.81 9.03
CA ASP B 139 -45.55 15.00 8.23
C ASP B 139 -45.61 13.53 8.64
N VAL B 140 -46.45 12.75 7.96
CA VAL B 140 -46.45 11.27 8.06
C VAL B 140 -47.06 10.64 6.82
N TYR B 141 -47.66 11.48 5.97
CA TYR B 141 -48.12 11.12 4.63
C TYR B 141 -48.49 9.65 4.40
N ILE B 142 -49.70 9.27 4.81
CA ILE B 142 -50.26 7.96 4.50
C ILE B 142 -50.62 7.89 2.99
N ILE B 143 -50.50 6.69 2.42
CA ILE B 143 -50.88 6.44 1.02
C ILE B 143 -51.54 5.06 0.93
N ASN B 144 -52.54 4.93 0.07
CA ASN B 144 -53.32 3.68 -0.07
C ASN B 144 -53.05 2.84 -1.33
N LYS B 145 -52.75 3.50 -2.45
CA LYS B 145 -52.47 2.81 -3.72
C LYS B 145 -50.97 2.61 -3.90
N VAL B 146 -50.59 2.04 -5.05
CA VAL B 146 -49.18 1.79 -5.33
C VAL B 146 -48.51 3.03 -5.91
N GLU B 147 -49.02 3.50 -7.05
CA GLU B 147 -48.44 4.63 -7.81
C GLU B 147 -48.63 6.03 -7.17
N ASP B 148 -49.47 6.11 -6.12
CA ASP B 148 -49.69 7.34 -5.36
C ASP B 148 -48.41 7.96 -4.77
N LEU B 149 -47.39 7.12 -4.56
CA LEU B 149 -46.10 7.58 -4.01
C LEU B 149 -45.35 8.45 -5.00
N ILE B 150 -45.32 8.03 -6.26
CA ILE B 150 -44.62 8.77 -7.31
C ILE B 150 -45.27 10.13 -7.59
N VAL B 151 -46.59 10.19 -7.43
CA VAL B 151 -47.32 11.48 -7.46
C VAL B 151 -46.94 12.35 -6.26
N LEU B 152 -46.86 11.75 -5.06
CA LEU B 152 -46.48 12.46 -3.84
C LEU B 152 -44.99 12.86 -3.79
N LEU B 153 -44.18 12.15 -4.59
CA LEU B 153 -42.77 12.49 -4.75
C LEU B 153 -42.61 13.75 -5.60
N GLY B 154 -43.34 13.81 -6.72
CA GLY B 154 -43.51 15.03 -7.52
C GLY B 154 -43.88 16.29 -6.73
N LYS B 155 -44.70 16.12 -5.70
CA LYS B 155 -45.14 17.23 -4.83
C LYS B 155 -44.15 17.67 -3.74
N LEU B 156 -42.89 17.20 -3.80
CA LEU B 156 -41.95 17.32 -2.66
C LEU B 156 -40.47 17.65 -2.92
N ASN B 157 -39.84 18.29 -1.92
CA ASN B 157 -38.41 18.62 -1.90
C ASN B 157 -37.58 17.60 -1.09
N TYR B 158 -37.25 16.50 -1.76
CA TYR B 158 -36.56 15.35 -1.15
C TYR B 158 -35.33 14.99 -1.96
N TYR B 159 -34.29 14.53 -1.27
CA TYR B 159 -33.05 14.06 -1.91
C TYR B 159 -33.21 12.70 -2.62
N LYS B 160 -33.27 11.61 -1.85
CA LYS B 160 -33.47 10.26 -2.41
C LYS B 160 -34.61 9.54 -1.72
N CYS B 161 -35.22 8.58 -2.42
CA CYS B 161 -36.32 7.81 -1.84
C CYS B 161 -35.92 6.38 -1.48
N PHE B 162 -36.09 6.03 -0.20
CA PHE B 162 -35.74 4.71 0.35
C PHE B 162 -36.95 3.84 0.73
N ILE B 163 -36.95 2.66 0.16
CA ILE B 163 -37.95 1.63 0.55
C ILE B 163 -37.33 0.83 1.70
N LEU B 164 -38.06 0.49 2.74
CA LEU B 164 -37.54 -0.32 3.85
C LEU B 164 -38.67 -1.24 4.32
N GLY B 165 -39.79 -1.13 3.65
CA GLY B 165 -41.10 -1.78 3.93
C GLY B 165 -41.10 -3.11 4.65
N GLY B 166 -41.31 -4.17 3.91
CA GLY B 166 -41.33 -5.51 4.46
C GLY B 166 -41.35 -6.38 3.25
N SER B 167 -41.39 -7.70 3.48
CA SER B 167 -41.33 -8.69 2.40
C SER B 167 -42.24 -8.34 1.22
N VAL B 168 -43.49 -7.97 1.52
CA VAL B 168 -44.48 -7.65 0.49
C VAL B 168 -44.24 -6.26 -0.17
N VAL B 169 -43.95 -5.25 0.65
CA VAL B 169 -43.53 -3.94 0.16
C VAL B 169 -42.30 -4.07 -0.74
N TYR B 170 -41.32 -4.90 -0.33
CA TYR B 170 -40.19 -5.21 -1.20
C TYR B 170 -40.65 -5.95 -2.45
N GLN B 171 -41.42 -7.03 -2.25
CA GLN B 171 -41.91 -7.85 -3.36
C GLN B 171 -42.43 -7.00 -4.51
N GLU B 172 -43.34 -6.07 -4.21
CA GLU B 172 -44.00 -5.31 -5.27
C GLU B 172 -43.11 -4.28 -6.00
N PHE B 173 -42.46 -3.39 -5.24
CA PHE B 173 -41.54 -2.40 -5.83
C PHE B 173 -40.51 -3.00 -6.76
N LEU B 174 -40.22 -4.28 -6.57
CA LEU B 174 -39.32 -5.07 -7.42
C LEU B 174 -39.99 -5.60 -8.68
N GLU B 175 -41.21 -6.15 -8.53
CA GLU B 175 -42.06 -6.55 -9.67
C GLU B 175 -42.33 -5.36 -10.56
N LYS B 176 -42.51 -4.19 -9.93
CA LYS B 176 -42.83 -2.94 -10.61
C LYS B 176 -41.60 -2.20 -11.16
N LYS B 177 -40.41 -2.77 -10.95
CA LYS B 177 -39.12 -2.26 -11.45
C LYS B 177 -38.79 -0.82 -11.03
N LEU B 178 -39.28 -0.47 -9.84
CA LEU B 178 -39.19 0.89 -9.31
C LEU B 178 -37.84 1.17 -8.61
N ILE B 179 -37.07 0.10 -8.38
CA ILE B 179 -35.83 0.15 -7.60
C ILE B 179 -34.61 0.33 -8.49
N LYS B 180 -33.81 1.34 -8.18
CA LYS B 180 -32.56 1.64 -8.89
C LYS B 180 -31.38 0.84 -8.28
N LYS B 181 -31.25 0.92 -6.95
CA LYS B 181 -30.19 0.23 -6.23
C LYS B 181 -30.72 -0.46 -4.98
N ILE B 182 -30.14 -1.61 -4.66
CA ILE B 182 -30.40 -2.28 -3.40
C ILE B 182 -29.18 -2.24 -2.48
N TYR B 183 -29.37 -1.56 -1.36
CA TYR B 183 -28.41 -1.50 -0.30
C TYR B 183 -28.74 -2.61 0.65
N PHE B 184 -27.94 -3.67 0.55
CA PHE B 184 -28.24 -4.95 1.13
C PHE B 184 -27.14 -5.32 2.14
N THR B 185 -27.52 -5.36 3.42
CA THR B 185 -26.67 -5.85 4.50
C THR B 185 -26.77 -7.38 4.64
N ARG B 186 -25.64 -8.08 4.47
CA ARG B 186 -25.61 -9.53 4.65
C ARG B 186 -25.30 -9.90 6.09
N ILE B 187 -26.29 -10.40 6.84
CA ILE B 187 -26.11 -10.78 8.24
C ILE B 187 -25.64 -12.24 8.33
N ASN B 188 -24.41 -12.47 8.79
CA ASN B 188 -23.83 -13.79 8.62
C ASN B 188 -24.10 -14.66 9.82
N SER B 189 -25.38 -14.81 10.15
CA SER B 189 -25.84 -15.76 11.16
C SER B 189 -27.25 -16.23 10.90
N THR B 190 -27.64 -17.30 11.57
CA THR B 190 -28.87 -18.00 11.22
C THR B 190 -29.87 -17.74 12.30
N TYR B 191 -31.08 -17.36 11.88
CA TYR B 191 -32.15 -17.08 12.83
C TYR B 191 -33.47 -17.69 12.36
N GLU B 192 -34.43 -17.82 13.30
CA GLU B 192 -35.81 -18.14 12.94
C GLU B 192 -36.45 -16.95 12.24
N CYS B 193 -36.99 -17.20 11.05
CA CYS B 193 -37.65 -16.20 10.22
C CYS B 193 -39.01 -16.72 9.72
N ASP B 194 -39.94 -15.81 9.47
CA ASP B 194 -41.21 -16.14 8.77
C ASP B 194 -41.44 -15.35 7.47
N VAL B 195 -40.67 -14.28 7.26
CA VAL B 195 -40.73 -13.48 6.02
C VAL B 195 -39.36 -13.17 5.41
N PHE B 196 -39.31 -13.11 4.09
CA PHE B 196 -38.04 -13.20 3.37
C PHE B 196 -37.97 -12.22 2.22
N PHE B 197 -36.77 -11.70 1.97
CA PHE B 197 -36.52 -10.84 0.80
C PHE B 197 -36.64 -11.64 -0.49
N PRO B 198 -37.35 -11.10 -1.49
CA PRO B 198 -37.53 -11.90 -2.70
C PRO B 198 -36.21 -12.22 -3.33
N GLU B 199 -36.17 -13.32 -4.07
CA GLU B 199 -34.98 -13.72 -4.78
C GLU B 199 -34.69 -12.66 -5.82
N ILE B 200 -33.58 -11.95 -5.64
CA ILE B 200 -33.12 -10.99 -6.64
C ILE B 200 -32.65 -11.69 -7.89
N ASN B 201 -33.13 -11.21 -9.04
CA ASN B 201 -32.84 -11.79 -10.35
C ASN B 201 -31.47 -11.36 -10.89
N GLU B 202 -30.56 -12.32 -11.02
CA GLU B 202 -29.19 -12.08 -11.54
C GLU B 202 -29.13 -11.29 -12.87
N ASN B 203 -30.15 -11.43 -13.71
CA ASN B 203 -30.25 -10.70 -14.98
C ASN B 203 -30.63 -9.23 -14.83
N GLU B 204 -31.39 -8.93 -13.77
CA GLU B 204 -31.99 -7.60 -13.54
C GLU B 204 -31.25 -6.69 -12.56
N TYR B 205 -30.51 -7.30 -11.62
CA TYR B 205 -29.60 -6.60 -10.71
C TYR B 205 -28.26 -7.35 -10.64
N GLN B 206 -27.15 -6.60 -10.61
CA GLN B 206 -25.84 -7.16 -10.27
C GLN B 206 -25.19 -6.37 -9.13
N ILE B 207 -24.31 -7.00 -8.39
CA ILE B 207 -23.59 -6.32 -7.31
C ILE B 207 -22.49 -5.41 -7.90
N ILE B 208 -22.45 -4.15 -7.48
CA ILE B 208 -21.38 -3.22 -7.96
C ILE B 208 -20.33 -2.88 -6.90
N SER B 209 -20.71 -3.01 -5.64
CA SER B 209 -19.82 -2.65 -4.55
C SER B 209 -20.00 -3.62 -3.41
N VAL B 210 -18.90 -3.85 -2.67
CA VAL B 210 -18.86 -4.76 -1.51
C VAL B 210 -18.00 -4.11 -0.49
N SER B 211 -18.41 -4.17 0.76
CA SER B 211 -17.75 -3.42 1.81
C SER B 211 -16.74 -4.29 2.57
N ASP B 212 -16.00 -3.64 3.47
CA ASP B 212 -15.24 -4.33 4.51
C ASP B 212 -16.17 -5.28 5.27
N VAL B 213 -15.59 -6.26 5.99
CA VAL B 213 -16.36 -7.19 6.83
C VAL B 213 -16.22 -6.74 8.28
N TYR B 214 -17.30 -6.82 9.04
CA TYR B 214 -17.29 -6.32 10.39
C TYR B 214 -17.88 -7.33 11.35
N THR B 215 -17.61 -7.14 12.64
CA THR B 215 -18.27 -7.87 13.70
C THR B 215 -19.11 -6.90 14.51
N SER B 216 -20.40 -7.20 14.58
CA SER B 216 -21.34 -6.47 15.43
C SER B 216 -22.21 -7.46 16.15
N ASN B 217 -22.29 -7.31 17.48
CA ASN B 217 -23.15 -8.14 18.34
C ASN B 217 -23.09 -9.61 17.98
N ASN B 218 -21.87 -10.16 17.92
CA ASN B 218 -21.62 -11.60 17.80
C ASN B 218 -21.89 -12.20 16.42
N THR B 219 -22.01 -11.35 15.42
CA THR B 219 -22.07 -11.84 14.06
C THR B 219 -21.13 -11.02 13.20
N THR B 220 -20.62 -11.67 12.16
CA THR B 220 -20.03 -10.92 11.09
C THR B 220 -21.16 -10.49 10.18
N LEU B 221 -20.92 -9.38 9.47
CA LEU B 221 -21.80 -8.85 8.40
C LEU B 221 -21.00 -8.01 7.44
N ASP B 222 -21.53 -7.83 6.24
CA ASP B 222 -21.03 -6.82 5.34
C ASP B 222 -22.16 -6.15 4.56
N PHE B 223 -21.77 -5.15 3.76
CA PHE B 223 -22.69 -4.28 3.04
C PHE B 223 -22.43 -4.38 1.56
N ILE B 224 -23.43 -4.84 0.84
CA ILE B 224 -23.32 -4.87 -0.60
C ILE B 224 -24.35 -3.97 -1.28
N ILE B 225 -24.11 -3.70 -2.55
CA ILE B 225 -24.93 -2.81 -3.35
C ILE B 225 -25.26 -3.46 -4.68
N TYR B 226 -26.56 -3.72 -4.89
CA TYR B 226 -26.99 -4.11 -6.22
C TYR B 226 -27.40 -2.85 -6.99
N LYS B 227 -27.06 -2.86 -8.29
CA LYS B 227 -27.34 -1.80 -9.27
C LYS B 227 -28.22 -2.39 -10.38
N LYS B 228 -29.26 -1.64 -10.81
CA LYS B 228 -30.10 -2.04 -11.94
C LYS B 228 -29.25 -2.18 -13.22
N THR B 229 -29.35 -3.31 -13.90
CA THR B 229 -28.68 -3.51 -15.19
C THR B 229 -29.56 -2.99 -16.33
N ASN B 230 -28.95 -2.22 -17.24
CA ASN B 230 -29.64 -1.56 -18.37
C ASN B 230 -30.37 -2.51 -19.35
N ASN B 231 -31.58 -2.93 -18.95
CA ASN B 231 -32.38 -3.91 -19.69
C ASN B 231 -33.66 -3.35 -20.33
N ASP B 283 -12.98 23.53 -9.21
CA ASP B 283 -11.50 23.35 -9.31
C ASP B 283 -11.10 21.98 -9.89
N ASP B 284 -11.02 21.94 -11.21
CA ASP B 284 -10.36 20.83 -11.93
C ASP B 284 -9.02 21.28 -12.54
N GLU B 285 -8.38 22.23 -11.85
CA GLU B 285 -7.03 22.70 -12.17
C GLU B 285 -5.99 21.63 -11.85
N GLU B 286 -6.09 21.08 -10.64
CA GLU B 286 -5.17 20.05 -10.16
C GLU B 286 -5.51 18.66 -10.71
N GLU B 287 -6.69 18.52 -11.32
CA GLU B 287 -7.04 17.30 -12.09
C GLU B 287 -6.13 17.12 -13.30
N ASP B 288 -5.78 18.23 -13.98
CA ASP B 288 -4.79 18.19 -15.05
C ASP B 288 -3.37 17.85 -14.56
N ASP B 289 -3.02 18.32 -13.37
CA ASP B 289 -1.72 18.04 -12.80
C ASP B 289 -1.53 16.52 -12.60
N PHE B 290 -2.60 15.84 -12.16
CA PHE B 290 -2.65 14.38 -12.13
C PHE B 290 -2.29 13.74 -13.47
N VAL B 291 -3.00 14.12 -14.54
CA VAL B 291 -2.62 13.72 -15.90
C VAL B 291 -1.16 14.04 -16.21
N TYR B 292 -0.68 15.22 -15.83
CA TYR B 292 0.73 15.53 -16.12
C TYR B 292 1.69 14.54 -15.43
N PHE B 293 1.36 14.13 -14.19
CA PHE B 293 2.24 13.25 -13.43
C PHE B 293 2.29 11.81 -13.98
N ASN B 294 1.32 11.45 -14.82
CA ASN B 294 1.24 10.12 -15.43
C ASN B 294 1.76 10.04 -16.85
N PHE B 295 2.42 11.10 -17.29
CA PHE B 295 2.91 11.19 -18.64
C PHE B 295 3.78 9.98 -18.99
N ASN B 296 4.36 9.32 -18.00
CA ASN B 296 5.29 8.20 -18.24
C ASN B 296 4.72 6.78 -18.04
N LYS B 297 3.39 6.63 -18.06
CA LYS B 297 2.79 5.30 -17.94
C LYS B 297 2.74 4.58 -19.29
N GLU B 298 2.91 3.25 -19.26
CA GLU B 298 3.19 2.44 -20.46
C GLU B 298 2.22 2.67 -21.63
N ASN B 310 -11.15 -8.81 -21.02
CA ASN B 310 -12.51 -9.39 -20.72
C ASN B 310 -12.54 -10.76 -20.02
N ASP B 311 -11.35 -11.24 -19.64
CA ASP B 311 -11.21 -12.40 -18.77
C ASP B 311 -11.72 -12.12 -17.35
N PHE B 312 -11.60 -10.86 -16.93
CA PHE B 312 -11.96 -10.44 -15.59
C PHE B 312 -13.15 -9.49 -15.55
N GLN B 313 -14.17 -9.83 -16.33
CA GLN B 313 -15.37 -9.01 -16.49
C GLN B 313 -16.03 -8.65 -15.16
N ILE B 314 -16.36 -9.67 -14.37
CA ILE B 314 -17.04 -9.42 -13.11
C ILE B 314 -16.10 -8.69 -12.12
N TYR B 315 -14.92 -9.24 -11.87
CA TYR B 315 -13.85 -8.56 -11.12
C TYR B 315 -13.75 -7.08 -11.48
N ASN B 316 -13.62 -6.78 -12.77
CA ASN B 316 -13.47 -5.38 -13.18
C ASN B 316 -14.75 -4.56 -13.10
N SER B 317 -15.91 -5.22 -13.02
CA SER B 317 -17.20 -4.50 -13.01
C SER B 317 -17.56 -3.95 -11.65
N LEU B 318 -16.72 -4.24 -10.65
CA LEU B 318 -16.98 -3.72 -9.33
C LEU B 318 -16.32 -2.38 -9.17
N LYS B 319 -17.02 -1.46 -8.52
CA LYS B 319 -16.52 -0.13 -8.23
C LYS B 319 -15.75 -0.22 -6.90
N TYR B 320 -16.44 -0.66 -5.86
CA TYR B 320 -15.84 -0.68 -4.56
C TYR B 320 -15.71 -2.12 -4.04
N LYS B 321 -14.47 -2.59 -4.01
CA LYS B 321 -14.12 -3.94 -3.59
C LYS B 321 -13.34 -3.81 -2.26
N TYR B 322 -14.07 -3.63 -1.16
CA TYR B 322 -13.42 -3.35 0.13
C TYR B 322 -13.30 -4.57 1.04
N HIS B 323 -13.99 -5.64 0.66
CA HIS B 323 -13.93 -6.88 1.36
C HIS B 323 -12.44 -7.29 1.44
N PRO B 324 -11.97 -7.70 2.64
CA PRO B 324 -10.57 -8.07 2.86
C PRO B 324 -10.05 -9.21 1.98
N GLU B 325 -10.92 -10.13 1.55
CA GLU B 325 -10.50 -11.13 0.55
C GLU B 325 -9.84 -10.53 -0.73
N TYR B 326 -10.16 -9.26 -1.06
CA TYR B 326 -9.54 -8.59 -2.23
C TYR B 326 -8.05 -8.30 -2.05
N GLN B 327 -7.59 -8.27 -0.82
CA GLN B 327 -6.15 -8.27 -0.67
C GLN B 327 -5.50 -9.46 -1.38
N TYR B 328 -6.06 -10.66 -1.21
CA TYR B 328 -5.59 -11.87 -1.85
C TYR B 328 -5.86 -11.80 -3.36
N LEU B 329 -7.11 -11.53 -3.73
CA LEU B 329 -7.48 -11.51 -5.17
C LEU B 329 -6.79 -10.42 -5.92
N ASN B 330 -6.54 -9.27 -5.29
CA ASN B 330 -5.84 -8.20 -6.03
C ASN B 330 -4.43 -8.54 -6.38
N ILE B 331 -3.79 -9.27 -5.48
CA ILE B 331 -2.42 -9.74 -5.68
C ILE B 331 -2.36 -10.75 -6.83
N ILE B 332 -3.31 -11.68 -6.87
CA ILE B 332 -3.42 -12.57 -8.02
C ILE B 332 -3.61 -11.75 -9.30
N TYR B 333 -4.53 -10.79 -9.25
CA TYR B 333 -4.83 -10.00 -10.44
C TYR B 333 -3.56 -9.32 -10.91
N ASP B 334 -2.82 -8.75 -9.96
CA ASP B 334 -1.57 -8.08 -10.26
C ASP B 334 -0.46 -8.98 -10.86
N ILE B 335 -0.33 -10.16 -10.31
CA ILE B 335 0.68 -11.06 -10.81
C ILE B 335 0.26 -11.46 -12.21
N MET B 336 -1.03 -11.75 -12.38
CA MET B 336 -1.57 -12.12 -13.68
C MET B 336 -1.35 -11.09 -14.77
N MET B 337 -1.60 -9.82 -14.45
CA MET B 337 -1.42 -8.73 -15.41
C MET B 337 0.04 -8.32 -15.61
N ASN B 338 0.80 -8.29 -14.52
CA ASN B 338 2.14 -7.69 -14.53
C ASN B 338 3.26 -8.61 -14.03
N GLY B 339 2.90 -9.84 -13.68
CA GLY B 339 3.91 -10.81 -13.27
C GLY B 339 5.04 -11.01 -14.27
N ASN B 340 6.08 -11.66 -13.79
CA ASN B 340 7.21 -11.96 -14.63
C ASN B 340 7.20 -13.46 -14.86
N LYS B 341 7.38 -13.84 -16.13
CA LYS B 341 7.33 -15.25 -16.56
C LYS B 341 8.64 -15.84 -16.19
N GLN B 342 8.60 -16.94 -15.44
CA GLN B 342 9.84 -17.59 -15.00
C GLN B 342 9.72 -19.11 -14.99
N SER B 343 10.82 -19.77 -15.31
CA SER B 343 11.00 -21.15 -14.89
C SER B 343 11.12 -21.17 -13.38
N ASP B 344 10.92 -22.34 -12.81
CA ASP B 344 11.22 -22.55 -11.41
C ASP B 344 11.79 -23.95 -11.23
N ARG B 345 12.21 -24.23 -9.99
CA ARG B 345 12.63 -25.55 -9.54
C ARG B 345 11.73 -26.73 -9.99
N THR B 346 10.43 -26.48 -10.14
CA THR B 346 9.42 -27.54 -10.40
C THR B 346 9.19 -27.93 -11.88
N GLY B 347 9.42 -27.00 -12.81
CA GLY B 347 9.24 -27.24 -14.27
C GLY B 347 7.92 -26.82 -14.90
N VAL B 348 7.04 -26.23 -14.07
CA VAL B 348 5.68 -25.87 -14.49
C VAL B 348 5.67 -24.49 -15.11
N GLY B 349 6.53 -23.60 -14.57
CA GLY B 349 6.54 -22.18 -14.94
C GLY B 349 5.56 -21.35 -14.10
N VAL B 350 5.91 -20.11 -13.88
CA VAL B 350 5.05 -19.25 -13.04
C VAL B 350 5.04 -17.84 -13.59
N LEU B 351 4.15 -17.10 -13.01
CA LEU B 351 4.08 -15.64 -13.13
C LEU B 351 4.46 -15.21 -11.72
N SER B 352 5.43 -14.37 -11.57
CA SER B 352 5.88 -14.00 -10.23
C SER B 352 6.09 -12.52 -10.11
N LYS B 353 5.85 -12.02 -8.90
CA LYS B 353 6.34 -10.72 -8.45
C LYS B 353 7.00 -10.92 -7.07
N PHE B 354 7.55 -9.83 -6.52
CA PHE B 354 8.38 -9.83 -5.32
C PHE B 354 7.97 -8.74 -4.32
N GLY B 355 7.53 -9.14 -3.14
CA GLY B 355 7.21 -8.24 -2.06
C GLY B 355 5.79 -7.68 -2.08
N TYR B 356 4.92 -8.24 -1.23
CA TYR B 356 3.59 -7.71 -0.91
C TYR B 356 3.37 -7.87 0.58
N ILE B 357 2.33 -7.19 1.04
CA ILE B 357 1.81 -7.34 2.41
C ILE B 357 0.28 -7.33 2.41
N MET B 358 -0.33 -8.27 3.13
CA MET B 358 -1.77 -8.30 3.38
C MET B 358 -1.94 -8.15 4.88
N LYS B 359 -3.08 -7.61 5.31
CA LYS B 359 -3.37 -7.44 6.75
C LYS B 359 -4.78 -7.87 6.98
N PHE B 360 -4.97 -8.77 7.92
CA PHE B 360 -6.30 -9.21 8.30
C PHE B 360 -6.61 -8.84 9.75
N ASP B 361 -7.83 -8.38 9.98
CA ASP B 361 -8.23 -7.92 11.29
C ASP B 361 -8.98 -9.02 11.98
N LEU B 362 -8.28 -9.76 12.81
CA LEU B 362 -8.90 -10.93 13.44
C LEU B 362 -9.96 -10.55 14.53
N SER B 363 -9.99 -9.27 14.94
CA SER B 363 -11.02 -8.82 15.90
C SER B 363 -12.38 -8.81 15.22
N GLN B 364 -12.38 -8.70 13.89
CA GLN B 364 -13.59 -8.57 13.08
C GLN B 364 -14.07 -9.80 12.30
N TYR B 365 -13.17 -10.75 12.00
CA TYR B 365 -13.50 -11.89 11.14
C TYR B 365 -12.38 -12.95 11.14
N PHE B 366 -12.70 -14.17 10.69
CA PHE B 366 -11.68 -15.17 10.40
C PHE B 366 -11.47 -15.20 8.90
N PRO B 367 -10.24 -14.90 8.47
CA PRO B 367 -10.00 -14.68 7.04
C PRO B 367 -9.86 -15.99 6.23
N LEU B 368 -10.93 -16.76 6.23
CA LEU B 368 -10.97 -18.03 5.49
C LEU B 368 -11.63 -17.75 4.18
N LEU B 369 -10.85 -17.83 3.11
CA LEU B 369 -11.33 -17.43 1.82
C LEU B 369 -12.68 -18.04 1.53
N THR B 370 -13.53 -17.25 0.87
CA THR B 370 -14.89 -17.63 0.56
C THR B 370 -15.10 -17.79 -0.95
N THR B 371 -14.13 -17.36 -1.76
CA THR B 371 -14.29 -17.55 -3.20
C THR B 371 -14.04 -18.99 -3.73
N LYS B 372 -13.67 -19.89 -2.82
CA LYS B 372 -13.62 -21.35 -3.09
C LYS B 372 -13.67 -22.03 -1.72
N LYS B 373 -13.95 -23.33 -1.67
CA LYS B 373 -14.10 -24.01 -0.38
C LYS B 373 -12.72 -24.35 0.19
N LEU B 374 -12.53 -24.07 1.48
CA LEU B 374 -11.31 -24.48 2.13
C LEU B 374 -11.65 -25.35 3.27
N PHE B 375 -10.83 -26.39 3.47
CA PHE B 375 -10.89 -27.25 4.65
C PHE B 375 -9.79 -26.95 5.64
N LEU B 376 -10.07 -27.11 6.92
CA LEU B 376 -9.12 -26.75 7.96
C LEU B 376 -8.56 -27.85 8.91
N ARG B 377 -9.10 -29.08 8.89
CA ARG B 377 -8.66 -30.12 9.85
C ARG B 377 -7.17 -30.37 9.74
N GLY B 378 -6.73 -30.54 8.48
CA GLY B 378 -5.35 -30.83 8.14
C GLY B 378 -4.40 -29.78 8.66
N ILE B 379 -4.69 -28.50 8.40
CA ILE B 379 -3.76 -27.45 8.78
C ILE B 379 -3.71 -27.21 10.30
N ILE B 380 -4.81 -27.53 10.99
CA ILE B 380 -4.85 -27.46 12.47
C ILE B 380 -3.96 -28.54 13.11
N GLU B 381 -4.17 -29.79 12.66
CA GLU B 381 -3.32 -30.95 12.99
C GLU B 381 -1.84 -30.67 12.73
N GLU B 382 -1.56 -30.09 11.57
CA GLU B 382 -0.16 -29.66 11.28
C GLU B 382 0.41 -28.67 12.33
N LEU B 383 -0.41 -27.69 12.69
CA LEU B 383 -0.04 -26.70 13.69
C LEU B 383 0.11 -27.40 15.04
N LEU B 384 -0.75 -28.38 15.32
CA LEU B 384 -0.59 -29.12 16.58
C LEU B 384 0.70 -29.96 16.57
N TRP B 385 1.00 -30.53 15.42
CA TRP B 385 2.18 -31.38 15.25
C TRP B 385 3.43 -30.48 15.34
N PHE B 386 3.34 -29.24 14.82
CA PHE B 386 4.43 -28.24 14.99
C PHE B 386 4.65 -27.98 16.47
N ILE B 387 3.58 -27.67 17.21
CA ILE B 387 3.67 -27.26 18.63
C ILE B 387 4.23 -28.36 19.54
N ARG B 388 3.94 -29.61 19.17
CA ARG B 388 4.55 -30.76 19.85
C ARG B 388 6.06 -30.92 19.58
N GLY B 389 6.61 -30.23 18.58
CA GLY B 389 8.03 -30.43 18.19
C GLY B 389 8.34 -31.63 17.27
N GLU B 390 7.31 -32.20 16.65
CA GLU B 390 7.46 -33.44 15.88
C GLU B 390 8.08 -33.22 14.51
N THR B 391 8.82 -34.22 14.07
CA THR B 391 9.34 -34.23 12.70
C THR B 391 8.95 -35.53 11.93
N ASN B 392 8.10 -36.33 12.57
CA ASN B 392 7.65 -37.60 12.04
C ASN B 392 6.43 -37.42 11.19
N GLY B 393 6.61 -37.53 9.88
CA GLY B 393 5.50 -37.45 8.93
C GLY B 393 4.42 -38.54 9.07
N ASN B 394 4.78 -39.68 9.65
CA ASN B 394 3.79 -40.75 9.87
C ASN B 394 2.65 -40.31 10.76
N THR B 395 2.93 -39.53 11.80
CA THR B 395 1.88 -38.98 12.69
C THR B 395 0.75 -38.32 11.90
N LEU B 396 1.10 -37.46 10.94
CA LEU B 396 0.11 -36.76 10.12
C LEU B 396 -0.58 -37.77 9.22
N LEU B 397 0.23 -38.57 8.50
CA LEU B 397 -0.32 -39.63 7.60
C LEU B 397 -1.35 -40.51 8.30
N ASN B 398 -1.11 -40.87 9.56
CA ASN B 398 -2.03 -41.73 10.27
C ASN B 398 -3.35 -41.03 10.63
N LYS B 399 -3.35 -39.70 10.53
CA LYS B 399 -4.55 -38.90 10.73
C LYS B 399 -5.15 -38.53 9.40
N ASN B 400 -4.62 -39.11 8.34
CA ASN B 400 -5.03 -38.79 6.96
C ASN B 400 -4.80 -37.32 6.59
N VAL B 401 -3.73 -36.75 7.14
CA VAL B 401 -3.25 -35.43 6.77
C VAL B 401 -2.00 -35.62 5.90
N ARG B 402 -2.09 -35.23 4.63
CA ARG B 402 -1.13 -35.66 3.63
C ARG B 402 -0.35 -34.49 3.09
N ILE B 403 -0.34 -33.41 3.87
CA ILE B 403 0.34 -32.16 3.51
C ILE B 403 1.83 -32.39 3.27
N TRP B 404 2.43 -33.27 4.07
CA TRP B 404 3.86 -33.51 4.07
C TRP B 404 4.27 -34.79 3.39
N GLU B 405 3.29 -35.53 2.92
CA GLU B 405 3.53 -36.82 2.25
C GLU B 405 4.58 -36.78 1.14
N ALA B 406 4.37 -35.92 0.15
CA ALA B 406 5.24 -35.87 -1.01
C ALA B 406 6.69 -35.52 -0.62
N ASN B 407 6.87 -34.79 0.47
CA ASN B 407 8.18 -34.40 0.94
C ASN B 407 8.89 -35.46 1.79
N GLY B 408 8.17 -36.52 2.15
CA GLY B 408 8.71 -37.62 2.94
C GLY B 408 9.02 -38.90 2.12
N THR B 409 8.76 -38.88 0.82
CA THR B 409 9.00 -40.12 0.05
C THR B 409 10.49 -40.44 -0.09
N ARG B 410 10.78 -41.71 -0.30
CA ARG B 410 12.13 -42.19 -0.64
C ARG B 410 12.75 -41.37 -1.79
N GLU B 411 11.94 -41.08 -2.81
CA GLU B 411 12.42 -40.43 -4.02
C GLU B 411 12.70 -38.96 -3.74
N PHE B 412 11.77 -38.32 -3.04
CA PHE B 412 12.00 -36.95 -2.64
C PHE B 412 13.24 -36.83 -1.78
N LEU B 413 13.39 -37.69 -0.78
CA LEU B 413 14.53 -37.50 0.15
C LEU B 413 15.84 -37.71 -0.54
N ASP B 414 15.86 -38.69 -1.46
CA ASP B 414 17.06 -39.04 -2.20
C ASP B 414 17.42 -37.89 -3.14
N ASN B 415 16.42 -37.31 -3.79
CA ASN B 415 16.65 -36.05 -4.58
C ASN B 415 17.24 -34.89 -3.78
N ARG B 416 16.94 -34.85 -2.49
CA ARG B 416 17.59 -33.94 -1.56
C ARG B 416 18.96 -34.43 -1.10
N LYS B 417 19.40 -35.61 -1.57
CA LYS B 417 20.68 -36.23 -1.14
C LYS B 417 20.60 -36.72 0.33
N LEU B 418 19.40 -37.01 0.77
CA LEU B 418 19.16 -37.43 2.11
C LEU B 418 19.01 -38.95 2.04
N PHE B 419 20.09 -39.60 1.57
CA PHE B 419 20.09 -41.05 1.30
C PHE B 419 19.99 -41.85 2.59
N HIS B 420 20.38 -41.23 3.71
CA HIS B 420 20.38 -41.90 5.01
C HIS B 420 19.25 -41.52 5.92
N ARG B 421 18.21 -40.98 5.34
CA ARG B 421 17.01 -40.58 6.11
C ARG B 421 15.86 -41.57 5.90
N GLU B 422 15.22 -42.02 6.95
CA GLU B 422 14.04 -42.86 6.83
C GLU B 422 12.89 -42.07 6.17
N VAL B 423 12.05 -42.78 5.39
CA VAL B 423 10.86 -42.27 4.73
C VAL B 423 9.97 -41.56 5.77
N ASN B 424 9.49 -40.36 5.41
CA ASN B 424 8.72 -39.49 6.32
C ASN B 424 9.48 -38.90 7.53
N ASP B 425 10.78 -39.06 7.57
CA ASP B 425 11.53 -38.37 8.60
C ASP B 425 11.90 -37.03 7.95
N LEU B 426 11.15 -35.99 8.27
CA LEU B 426 11.26 -34.75 7.51
C LEU B 426 12.48 -33.94 7.91
N GLY B 427 13.20 -34.39 8.92
CA GLY B 427 14.39 -33.67 9.38
C GLY B 427 14.06 -32.52 10.32
N PRO B 428 15.05 -31.68 10.66
CA PRO B 428 14.82 -30.62 11.66
C PRO B 428 14.06 -29.44 11.09
N ILE B 429 12.78 -29.66 10.77
CA ILE B 429 11.88 -28.67 10.21
C ILE B 429 11.20 -27.93 11.35
N TYR B 430 10.06 -27.28 11.06
CA TYR B 430 9.45 -26.28 11.92
C TYR B 430 9.34 -26.72 13.37
N GLY B 431 8.70 -27.86 13.62
CA GLY B 431 8.51 -28.36 14.98
C GLY B 431 9.85 -28.42 15.72
N PHE B 432 10.85 -29.01 15.08
CA PHE B 432 12.17 -29.11 15.71
C PHE B 432 12.76 -27.70 15.99
N GLN B 433 12.59 -26.77 15.08
CA GLN B 433 13.24 -25.47 15.25
C GLN B 433 12.53 -24.61 16.31
N TRP B 434 11.20 -24.71 16.37
CA TRP B 434 10.37 -24.03 17.39
C TRP B 434 10.65 -24.55 18.83
N ARG B 435 10.94 -25.85 19.00
CA ARG B 435 11.20 -26.37 20.34
C ARG B 435 12.67 -26.66 20.62
N HIS B 436 13.49 -26.88 19.58
CA HIS B 436 14.86 -27.36 19.81
C HIS B 436 15.93 -26.66 18.97
N PHE B 437 15.69 -25.41 18.56
CA PHE B 437 16.62 -24.75 17.63
C PHE B 437 18.04 -24.91 18.12
N GLY B 438 18.91 -25.42 17.25
CA GLY B 438 20.31 -25.60 17.58
C GLY B 438 20.68 -26.96 18.14
N ALA B 439 19.74 -27.77 18.62
CA ALA B 439 20.09 -29.15 18.96
C ALA B 439 20.57 -29.92 17.71
N GLU B 440 21.34 -30.96 17.92
CA GLU B 440 21.76 -31.85 16.86
C GLU B 440 20.60 -32.80 16.46
N TYR B 441 20.20 -32.78 15.20
CA TYR B 441 19.18 -33.69 14.76
C TYR B 441 19.81 -35.07 14.48
N THR B 442 19.15 -36.10 15.02
CA THR B 442 19.53 -37.49 14.79
C THR B 442 18.47 -38.17 13.94
N ASN B 443 17.31 -38.48 14.51
CA ASN B 443 16.21 -39.08 13.72
C ASN B 443 14.88 -38.70 14.38
N MET B 444 13.74 -39.00 13.73
CA MET B 444 12.43 -38.53 14.20
C MET B 444 11.99 -39.14 15.49
N TYR B 445 12.72 -40.13 15.96
CA TYR B 445 12.33 -40.91 17.12
C TYR B 445 13.11 -40.52 18.34
N ASP B 446 14.18 -39.75 18.18
CA ASP B 446 15.05 -39.52 19.32
C ASP B 446 14.33 -38.66 20.36
N ASN B 447 14.90 -38.57 21.54
CA ASN B 447 14.35 -37.76 22.57
C ASN B 447 15.19 -36.50 22.69
N TYR B 448 14.55 -35.36 22.50
CA TYR B 448 15.23 -34.08 22.40
C TYR B 448 14.85 -33.18 23.60
N GLU B 449 14.16 -33.77 24.57
CA GLU B 449 13.62 -33.04 25.72
C GLU B 449 14.70 -32.19 26.33
N ASN B 450 14.44 -30.89 26.38
CA ASN B 450 15.36 -29.90 26.98
C ASN B 450 16.62 -29.65 26.15
N LYS B 451 16.69 -30.20 24.95
CA LYS B 451 17.79 -29.87 24.05
C LYS B 451 17.38 -28.71 23.14
N GLY B 452 18.35 -27.85 22.87
CA GLY B 452 18.19 -26.73 21.95
C GLY B 452 17.42 -25.58 22.55
N VAL B 453 17.09 -24.59 21.72
CA VAL B 453 16.32 -23.46 22.23
C VAL B 453 14.82 -23.64 21.96
N ASP B 454 14.05 -23.69 23.03
CA ASP B 454 12.58 -23.70 22.97
C ASP B 454 12.05 -22.29 22.71
N GLN B 455 12.07 -21.91 21.43
CA GLN B 455 11.62 -20.59 20.99
C GLN B 455 10.16 -20.35 21.33
N LEU B 456 9.34 -21.37 21.15
CA LEU B 456 7.94 -21.21 21.39
C LEU B 456 7.63 -20.76 22.82
N LYS B 457 8.21 -21.44 23.80
CA LYS B 457 8.06 -21.02 25.17
C LYS B 457 8.68 -19.65 25.40
N ASN B 458 9.83 -19.36 24.76
CA ASN B 458 10.44 -18.02 24.94
C ASN B 458 9.49 -16.91 24.53
N ILE B 459 8.80 -17.10 23.39
CA ILE B 459 7.94 -16.03 22.83
C ILE B 459 6.69 -15.92 23.68
N ILE B 460 6.17 -17.03 24.16
CA ILE B 460 5.10 -16.97 25.15
C ILE B 460 5.47 -16.22 26.46
N ASN B 461 6.62 -16.55 27.07
CA ASN B 461 7.12 -15.77 28.20
C ASN B 461 7.30 -14.32 27.85
N LEU B 462 7.91 -14.02 26.70
CA LEU B 462 8.14 -12.63 26.29
C LEU B 462 6.82 -11.93 26.16
N ILE B 463 5.86 -12.56 25.51
CA ILE B 463 4.58 -11.89 25.34
C ILE B 463 3.88 -11.60 26.70
N LYS B 464 3.93 -12.56 27.62
CA LYS B 464 3.29 -12.42 28.93
C LYS B 464 4.05 -11.44 29.84
N ASN B 465 5.38 -11.50 29.85
CA ASN B 465 6.25 -10.77 30.79
C ASN B 465 6.95 -9.54 30.27
N ASP B 466 7.21 -9.45 28.95
CA ASP B 466 7.90 -8.27 28.39
C ASP B 466 7.19 -7.86 27.11
N PRO B 467 5.88 -7.55 27.18
CA PRO B 467 5.13 -7.40 25.93
C PRO B 467 5.56 -6.26 24.98
N THR B 468 6.34 -5.30 25.42
CA THR B 468 6.80 -4.20 24.55
C THR B 468 8.18 -4.57 23.95
N SER B 469 8.68 -5.76 24.25
CA SER B 469 9.92 -6.23 23.63
C SER B 469 9.79 -6.14 22.10
N ARG B 470 10.89 -5.93 21.42
CA ARG B 470 10.91 -5.91 19.98
C ARG B 470 11.63 -7.14 19.46
N ARG B 471 11.65 -8.17 20.31
CA ARG B 471 12.47 -9.39 20.09
C ARG B 471 11.59 -10.61 20.07
N ILE B 472 10.31 -10.38 19.99
CA ILE B 472 9.44 -11.51 20.08
C ILE B 472 9.32 -12.15 18.69
N LEU B 473 10.25 -13.01 18.37
CA LEU B 473 10.34 -13.64 17.04
C LEU B 473 10.48 -15.16 17.19
N LEU B 474 9.82 -15.88 16.34
CA LEU B 474 9.91 -17.35 16.25
C LEU B 474 10.49 -17.57 14.86
N CYS B 475 11.68 -18.11 14.73
CA CYS B 475 12.34 -18.29 13.44
C CYS B 475 12.53 -19.77 13.10
N ALA B 476 12.04 -20.19 11.94
CA ALA B 476 12.24 -21.57 11.50
C ALA B 476 13.42 -21.67 10.53
N TRP B 477 13.85 -20.53 9.99
CA TRP B 477 14.94 -20.57 9.02
C TRP B 477 16.30 -20.74 9.72
N ASN B 478 16.64 -22.00 10.01
CA ASN B 478 17.90 -22.35 10.64
C ASN B 478 18.96 -22.69 9.57
N VAL B 479 19.87 -21.74 9.32
CA VAL B 479 20.87 -21.84 8.26
C VAL B 479 21.78 -23.10 8.39
N LYS B 480 22.31 -23.38 9.58
CA LYS B 480 23.07 -24.62 9.81
C LYS B 480 22.34 -25.92 9.34
N ASP B 481 21.02 -25.95 9.47
CA ASP B 481 20.20 -27.14 9.33
C ASP B 481 19.43 -27.29 8.01
N LEU B 482 19.37 -26.24 7.17
CA LEU B 482 18.60 -26.23 5.93
C LEU B 482 18.74 -27.51 5.09
N ASP B 483 19.97 -27.90 4.77
CA ASP B 483 20.22 -29.12 3.94
C ASP B 483 19.73 -30.39 4.57
N GLN B 484 19.66 -30.47 5.90
CA GLN B 484 19.08 -31.65 6.58
C GLN B 484 17.55 -31.74 6.52
N MET B 485 16.88 -30.63 6.20
CA MET B 485 15.40 -30.63 6.16
C MET B 485 14.93 -31.20 4.82
N ALA B 486 13.80 -31.90 4.83
CA ALA B 486 13.19 -32.40 3.59
C ALA B 486 13.04 -31.23 2.61
N LEU B 487 12.61 -30.08 3.11
CA LEU B 487 12.72 -28.82 2.37
C LEU B 487 12.82 -27.63 3.31
N PRO B 488 13.46 -26.55 2.84
CA PRO B 488 13.64 -25.40 3.73
C PRO B 488 12.30 -24.72 3.93
N PRO B 489 12.10 -24.09 5.10
CA PRO B 489 10.73 -23.58 5.38
C PRO B 489 10.29 -22.46 4.41
N CYS B 490 9.00 -22.45 4.08
CA CYS B 490 8.40 -21.34 3.35
C CYS B 490 8.13 -20.15 4.32
N HIS B 491 7.69 -20.46 5.55
CA HIS B 491 7.35 -19.47 6.52
C HIS B 491 8.54 -19.17 7.40
N ILE B 492 9.22 -18.10 7.06
CA ILE B 492 10.54 -17.88 7.63
C ILE B 492 10.41 -17.63 9.16
N LEU B 493 9.56 -16.72 9.53
CA LEU B 493 9.51 -16.26 10.91
C LEU B 493 8.14 -15.64 11.16
N CYS B 494 7.71 -15.66 12.42
CA CYS B 494 6.66 -14.78 12.99
C CYS B 494 7.26 -13.77 13.93
N GLN B 495 6.78 -12.53 13.83
CA GLN B 495 7.11 -11.54 14.83
C GLN B 495 5.80 -11.11 15.46
N PHE B 496 5.86 -10.85 16.77
CA PHE B 496 4.65 -10.55 17.56
C PHE B 496 4.69 -9.12 18.09
N TYR B 497 3.53 -8.53 18.30
CA TYR B 497 3.41 -7.15 18.77
C TYR B 497 2.21 -7.09 19.73
N VAL B 498 2.40 -6.41 20.85
CA VAL B 498 1.40 -6.28 21.88
C VAL B 498 1.22 -4.82 22.20
N PHE B 499 -0.02 -4.36 22.10
CA PHE B 499 -0.46 -3.09 22.68
C PHE B 499 -1.91 -3.22 23.14
N ASP B 500 -2.19 -2.63 24.30
CA ASP B 500 -3.53 -2.54 24.86
C ASP B 500 -4.28 -3.86 24.97
N GLY B 501 -3.62 -4.89 25.49
CA GLY B 501 -4.28 -6.20 25.60
C GLY B 501 -4.43 -6.91 24.25
N LYS B 502 -3.79 -6.39 23.20
CA LYS B 502 -4.01 -6.93 21.84
C LYS B 502 -2.77 -7.50 21.18
N LEU B 503 -2.91 -8.71 20.62
CA LEU B 503 -1.81 -9.36 19.91
C LEU B 503 -1.90 -9.33 18.36
N SER B 504 -0.88 -8.73 17.74
CA SER B 504 -0.64 -8.86 16.30
C SER B 504 0.59 -9.72 15.98
N CYS B 505 0.60 -10.25 14.76
CA CYS B 505 1.57 -11.21 14.27
C CYS B 505 1.92 -10.87 12.82
N ILE B 506 3.21 -10.75 12.53
CA ILE B 506 3.73 -10.74 11.18
C ILE B 506 4.36 -12.10 10.89
N MET B 507 4.00 -12.69 9.76
CA MET B 507 4.70 -13.89 9.27
C MET B 507 5.31 -13.51 7.92
N TYR B 508 6.61 -13.69 7.80
CA TYR B 508 7.30 -13.46 6.56
C TYR B 508 7.40 -14.78 5.78
N GLN B 509 7.02 -14.77 4.51
CA GLN B 509 6.98 -16.01 3.72
C GLN B 509 7.83 -15.86 2.45
N ARG B 510 8.91 -16.61 2.32
CA ARG B 510 9.86 -16.40 1.23
C ARG B 510 9.29 -16.84 -0.11
N SER B 511 8.30 -17.71 -0.06
CA SER B 511 7.85 -18.38 -1.28
C SER B 511 6.37 -18.71 -1.17
N CYS B 512 5.60 -18.14 -2.09
CA CYS B 512 4.15 -18.11 -1.87
C CYS B 512 3.47 -18.57 -3.15
N ASP B 513 2.90 -19.76 -3.07
CA ASP B 513 2.14 -20.33 -4.17
C ASP B 513 0.76 -19.76 -4.00
N LEU B 514 0.48 -18.72 -4.77
CA LEU B 514 -0.78 -17.96 -4.60
C LEU B 514 -2.04 -18.75 -4.70
N GLY B 515 -2.08 -19.69 -5.65
CA GLY B 515 -3.33 -20.47 -5.95
C GLY B 515 -3.63 -21.54 -4.95
N LEU B 516 -2.59 -22.18 -4.42
CA LEU B 516 -2.85 -23.33 -3.54
C LEU B 516 -2.41 -23.16 -2.12
N GLY B 517 -1.23 -22.61 -1.91
CA GLY B 517 -0.66 -22.58 -0.56
C GLY B 517 -1.12 -21.39 0.28
N VAL B 518 -1.06 -20.20 -0.33
CA VAL B 518 -1.40 -18.97 0.37
C VAL B 518 -2.77 -19.04 1.08
N PRO B 519 -3.82 -19.57 0.44
CA PRO B 519 -5.08 -19.61 1.19
C PRO B 519 -4.99 -20.39 2.50
N PHE B 520 -4.23 -21.48 2.54
CA PHE B 520 -4.08 -22.27 3.77
C PHE B 520 -3.20 -21.53 4.75
N ASN B 521 -2.19 -20.86 4.20
CA ASN B 521 -1.20 -20.22 5.01
C ASN B 521 -1.79 -19.07 5.84
N ILE B 522 -2.63 -18.24 5.22
CA ILE B 522 -3.38 -17.19 5.92
C ILE B 522 -4.16 -17.81 7.08
N ALA B 523 -4.87 -18.92 6.79
CA ALA B 523 -5.72 -19.54 7.79
C ALA B 523 -4.87 -20.07 8.93
N SER B 524 -3.80 -20.77 8.57
CA SER B 524 -2.93 -21.40 9.55
C SER B 524 -2.32 -20.40 10.56
N TYR B 525 -1.76 -19.31 10.07
CA TYR B 525 -1.15 -18.35 10.97
C TYR B 525 -2.17 -17.43 11.63
N SER B 526 -3.37 -17.31 11.04
CA SER B 526 -4.46 -16.65 11.75
C SER B 526 -4.84 -17.44 13.02
N ILE B 527 -5.04 -18.74 12.84
CA ILE B 527 -5.41 -19.64 13.93
C ILE B 527 -4.31 -19.61 14.98
N PHE B 528 -3.06 -19.71 14.52
CA PHE B 528 -1.94 -19.69 15.43
C PHE B 528 -1.93 -18.38 16.24
N THR B 529 -2.30 -17.26 15.60
CA THR B 529 -2.34 -15.96 16.33
C THR B 529 -3.42 -15.97 17.43
N HIS B 530 -4.61 -16.54 17.12
CA HIS B 530 -5.66 -16.82 18.07
C HIS B 530 -5.13 -17.69 19.22
N MET B 531 -4.48 -18.80 18.88
CA MET B 531 -3.87 -19.67 19.88
C MET B 531 -2.92 -18.98 20.84
N ILE B 532 -1.94 -18.24 20.32
CA ILE B 532 -0.97 -17.53 21.14
C ILE B 532 -1.70 -16.44 21.98
N ALA B 533 -2.67 -15.72 21.37
CA ALA B 533 -3.38 -14.64 22.06
C ALA B 533 -4.05 -15.21 23.31
N GLN B 534 -4.86 -16.25 23.09
CA GLN B 534 -5.61 -16.87 24.17
C GLN B 534 -4.71 -17.26 25.33
N VAL B 535 -3.63 -18.01 25.08
CA VAL B 535 -2.85 -18.54 26.21
C VAL B 535 -2.05 -17.47 26.93
N CYS B 536 -2.04 -16.26 26.37
CA CYS B 536 -1.37 -15.15 26.98
C CYS B 536 -2.39 -14.15 27.48
N ASN B 537 -3.68 -14.51 27.43
CA ASN B 537 -4.77 -13.64 27.89
C ASN B 537 -4.84 -12.36 27.11
N LEU B 538 -4.62 -12.45 25.81
CA LEU B 538 -4.71 -11.27 24.97
C LEU B 538 -5.81 -11.50 23.98
N GLN B 539 -6.19 -10.43 23.30
CA GLN B 539 -7.14 -10.54 22.22
C GLN B 539 -6.38 -10.43 20.90
N PRO B 540 -6.75 -11.27 19.93
CA PRO B 540 -6.09 -11.16 18.64
C PRO B 540 -6.49 -9.87 17.94
N ALA B 541 -5.52 -9.22 17.27
CA ALA B 541 -5.74 -8.06 16.43
C ALA B 541 -5.41 -8.38 14.96
N GLN B 542 -4.24 -7.94 14.50
CA GLN B 542 -3.93 -8.20 13.11
C GLN B 542 -3.02 -9.42 12.90
N PHE B 543 -3.40 -10.25 11.94
CA PHE B 543 -2.43 -11.06 11.23
C PHE B 543 -1.93 -10.31 9.98
N ILE B 544 -0.61 -10.17 9.88
CA ILE B 544 0.04 -9.45 8.81
C ILE B 544 0.99 -10.38 8.04
N HIS B 545 0.70 -10.55 6.76
CA HIS B 545 1.31 -11.62 5.95
C HIS B 545 2.16 -10.94 4.92
N VAL B 546 3.47 -11.14 5.00
CA VAL B 546 4.43 -10.52 4.08
C VAL B 546 4.94 -11.58 3.12
N LEU B 547 4.91 -11.28 1.83
CA LEU B 547 5.17 -12.26 0.76
C LEU B 547 6.43 -11.85 0.07
N GLY B 548 7.41 -12.75 -0.01
CA GLY B 548 8.63 -12.48 -0.73
C GLY B 548 8.33 -12.83 -2.18
N ASN B 549 8.82 -13.99 -2.60
CA ASN B 549 8.59 -14.42 -3.98
C ASN B 549 7.17 -14.93 -4.04
N ALA B 550 6.33 -14.20 -4.76
CA ALA B 550 4.90 -14.47 -4.86
C ALA B 550 4.56 -14.85 -6.29
N HIS B 551 4.01 -16.05 -6.43
CA HIS B 551 3.92 -16.66 -7.74
C HIS B 551 2.63 -17.42 -8.00
N VAL B 552 2.17 -17.30 -9.24
CA VAL B 552 1.01 -18.06 -9.69
C VAL B 552 1.52 -19.12 -10.67
N TYR B 553 1.24 -20.37 -10.37
CA TYR B 553 1.65 -21.44 -11.25
C TYR B 553 0.80 -21.40 -12.51
N ASN B 554 1.41 -21.71 -13.67
CA ASN B 554 0.71 -21.66 -14.97
C ASN B 554 -0.47 -22.58 -15.02
N ASN B 555 -0.37 -23.72 -14.33
CA ASN B 555 -1.48 -24.66 -14.28
C ASN B 555 -2.67 -24.20 -13.46
N HIS B 556 -2.52 -23.04 -12.81
CA HIS B 556 -3.59 -22.49 -11.98
C HIS B 556 -4.30 -21.33 -12.67
N ILE B 557 -3.70 -20.78 -13.70
CA ILE B 557 -4.23 -19.59 -14.35
C ILE B 557 -5.77 -19.61 -14.61
N ASP B 558 -6.26 -20.68 -15.23
CA ASP B 558 -7.67 -20.78 -15.56
C ASP B 558 -8.55 -20.88 -14.33
N SER B 559 -8.16 -21.70 -13.36
CA SER B 559 -8.89 -21.77 -12.10
C SER B 559 -8.98 -20.40 -11.39
N LEU B 560 -7.90 -19.62 -11.47
CA LEU B 560 -7.86 -18.33 -10.82
C LEU B 560 -8.72 -17.29 -11.55
N LYS B 561 -8.78 -17.34 -12.89
CA LYS B 561 -9.75 -16.54 -13.70
C LYS B 561 -11.20 -16.77 -13.23
N ILE B 562 -11.57 -18.02 -13.02
CA ILE B 562 -12.88 -18.30 -12.47
C ILE B 562 -12.99 -17.73 -11.06
N GLN B 563 -11.98 -17.95 -10.22
CA GLN B 563 -12.03 -17.48 -8.83
C GLN B 563 -12.11 -15.96 -8.69
N LEU B 564 -11.36 -15.23 -9.50
CA LEU B 564 -11.30 -13.77 -9.37
C LEU B 564 -12.60 -13.05 -9.79
N ASN B 565 -13.47 -13.79 -10.48
CA ASN B 565 -14.78 -13.28 -10.91
C ASN B 565 -15.93 -13.68 -10.03
N ARG B 566 -15.60 -14.23 -8.87
CA ARG B 566 -16.58 -14.55 -7.86
C ARG B 566 -16.54 -13.50 -6.76
N ILE B 567 -17.69 -13.21 -6.17
CA ILE B 567 -17.80 -12.12 -5.21
C ILE B 567 -17.79 -12.72 -3.82
N PRO B 568 -16.86 -12.24 -2.96
CA PRO B 568 -16.73 -12.85 -1.62
C PRO B 568 -17.99 -12.73 -0.78
N TYR B 569 -18.17 -13.68 0.13
CA TYR B 569 -19.22 -13.63 1.14
C TYR B 569 -18.62 -13.11 2.44
N PRO B 570 -19.47 -12.59 3.34
CA PRO B 570 -18.83 -12.21 4.59
C PRO B 570 -18.16 -13.42 5.25
N PHE B 571 -17.03 -13.17 5.89
CA PHE B 571 -16.13 -14.18 6.44
C PHE B 571 -16.74 -14.93 7.61
N PRO B 572 -16.29 -16.19 7.88
CA PRO B 572 -16.66 -16.86 9.12
C PRO B 572 -15.98 -16.29 10.37
N THR B 573 -16.18 -16.93 11.51
CA THR B 573 -15.46 -16.63 12.74
C THR B 573 -14.82 -17.92 13.28
N LEU B 574 -13.81 -17.78 14.13
CA LEU B 574 -13.16 -18.91 14.75
C LEU B 574 -13.43 -18.87 16.26
N LYS B 575 -13.87 -20.01 16.79
CA LYS B 575 -14.06 -20.17 18.23
C LYS B 575 -13.04 -21.20 18.71
N LEU B 576 -12.34 -20.85 19.77
CA LEU B 576 -11.42 -21.74 20.43
C LEU B 576 -12.06 -22.08 21.76
N ASN B 577 -11.92 -23.33 22.17
CA ASN B 577 -12.31 -23.72 23.51
C ASN B 577 -11.62 -22.80 24.56
N PRO B 578 -12.42 -22.03 25.35
CA PRO B 578 -11.86 -21.04 26.29
C PRO B 578 -11.17 -21.63 27.51
N ASP B 579 -11.42 -22.93 27.77
CA ASP B 579 -10.77 -23.67 28.87
C ASP B 579 -9.27 -23.85 28.67
N ILE B 580 -8.82 -23.91 27.40
CA ILE B 580 -7.43 -24.12 27.04
C ILE B 580 -6.54 -22.90 27.29
N LYS B 581 -5.59 -23.06 28.19
CA LYS B 581 -4.81 -21.96 28.80
C LYS B 581 -3.28 -22.06 28.58
N ASN B 582 -2.84 -23.19 28.00
CA ASN B 582 -1.42 -23.42 27.65
C ASN B 582 -1.31 -23.87 26.18
N ILE B 583 -0.25 -23.45 25.50
CA ILE B 583 -0.11 -23.70 24.07
C ILE B 583 -0.09 -25.17 23.74
N GLU B 584 0.43 -25.98 24.67
CA GLU B 584 0.52 -27.41 24.47
C GLU B 584 -0.78 -28.21 24.60
N ASP B 585 -1.89 -27.59 25.02
CA ASP B 585 -3.09 -28.32 25.48
C ASP B 585 -4.20 -28.37 24.47
N PHE B 586 -4.06 -27.61 23.40
CA PHE B 586 -5.06 -27.64 22.35
C PHE B 586 -5.05 -28.97 21.69
N THR B 587 -6.25 -29.42 21.33
CA THR B 587 -6.45 -30.62 20.52
C THR B 587 -7.43 -30.27 19.43
N ILE B 588 -7.64 -31.18 18.51
CA ILE B 588 -8.41 -30.89 17.31
C ILE B 588 -9.85 -30.37 17.58
N SER B 589 -10.47 -30.85 18.66
CA SER B 589 -11.86 -30.52 18.95
C SER B 589 -12.00 -29.12 19.62
N ASP B 590 -10.87 -28.49 19.94
CA ASP B 590 -10.89 -27.17 20.55
C ASP B 590 -11.14 -25.99 19.59
N PHE B 591 -11.46 -26.27 18.33
CA PHE B 591 -11.48 -25.28 17.25
C PHE B 591 -12.82 -25.44 16.54
N THR B 592 -13.55 -24.34 16.41
CA THR B 592 -14.79 -24.34 15.63
C THR B 592 -14.84 -23.12 14.70
N ILE B 593 -15.01 -23.42 13.41
CA ILE B 593 -15.37 -22.45 12.38
C ILE B 593 -16.88 -22.32 12.25
N GLN B 594 -17.37 -21.10 12.49
CA GLN B 594 -18.81 -20.81 12.47
C GLN B 594 -19.21 -19.90 11.31
N ASN B 595 -20.33 -20.24 10.68
CA ASN B 595 -20.90 -19.43 9.64
C ASN B 595 -20.00 -19.28 8.45
N TYR B 596 -19.34 -20.37 8.09
CA TYR B 596 -18.54 -20.41 6.87
C TYR B 596 -19.44 -20.56 5.63
N VAL B 597 -19.61 -19.43 4.94
CA VAL B 597 -20.33 -19.33 3.68
C VAL B 597 -19.29 -19.18 2.57
N HIS B 598 -19.37 -20.04 1.55
CA HIS B 598 -18.32 -20.11 0.54
C HIS B 598 -18.86 -20.50 -0.84
N HIS B 599 -18.11 -20.13 -1.87
CA HIS B 599 -18.35 -20.63 -3.20
C HIS B 599 -17.92 -22.12 -3.32
N GLU B 600 -18.09 -22.64 -4.53
CA GLU B 600 -17.88 -24.03 -4.84
C GLU B 600 -16.37 -24.31 -4.85
N LYS B 601 -15.98 -25.51 -4.42
CA LYS B 601 -14.60 -25.92 -4.53
C LYS B 601 -14.12 -25.77 -5.96
N ILE B 602 -12.89 -25.30 -6.08
CA ILE B 602 -12.14 -25.25 -7.34
C ILE B 602 -10.95 -26.20 -7.22
N SER B 603 -10.77 -27.07 -8.22
CA SER B 603 -9.56 -27.88 -8.26
C SER B 603 -8.56 -27.15 -9.12
N MET B 604 -7.45 -26.74 -8.48
CA MET B 604 -6.46 -25.84 -9.12
C MET B 604 -5.64 -26.52 -10.22
N ASP B 605 -5.41 -27.83 -10.07
CA ASP B 605 -4.87 -28.73 -11.12
C ASP B 605 -5.57 -28.52 -12.49
C2 9QO C . 12.33 18.33 -29.96
C4 9QO C . 14.41 19.20 -29.35
C5 9QO C . 13.85 20.47 -29.15
C6 9QO C . 12.48 20.61 -29.37
C9 9QO C . 11.77 21.94 -29.20
C10 9QO C . 10.89 21.96 -27.97
C12 9QO C . 15.96 21.87 -29.12
C14 9QO C . 16.06 23.85 -27.70
C16 9QO C . 14.07 22.51 -27.76
C18 9QO C . 12.76 24.67 -26.25
C20 9QO C . 11.42 24.85 -24.25
C11 9QO C . 14.64 21.64 -28.70
C13 9QO C . 16.66 22.99 -28.63
C15 9QO C . 14.75 23.62 -27.27
N1 9QO C . 11.76 19.54 -29.79
C19 9QO C . 12.48 25.57 -25.08
C25 9QO C . 10.85 22.26 -19.81
C23 9QO C . 12.08 22.28 -21.82
C27 9QO C . 10.89 24.23 -21.16
C22 9QO C . 11.68 23.59 -22.10
N3 9QO C . 13.65 18.15 -29.73
C30 9QO C . 12.94 21.49 -22.77
N29 9QO C . 10.43 21.61 -18.67
N24 9QO C . 11.64 21.64 -20.71
C31 9QO C . 14.33 21.76 -22.36
N26 9QO C . 10.48 23.53 -20.07
N28 9QO C . 10.49 25.52 -21.33
O21 9QO C . 12.17 24.26 -23.19
O17 9QO C . 14.16 24.46 -26.32
N8 9QO C . 15.72 18.95 -29.16
N7 9QO C . 11.56 17.27 -30.36
PA NAP D . 14.57 35.01 -24.44
O1A NAP D . 13.90 35.45 -23.16
O2A NAP D . 14.19 33.74 -25.18
O5B NAP D . 14.34 36.17 -25.56
C5B NAP D . 14.43 37.56 -25.27
C4B NAP D . 14.08 38.31 -26.56
O4B NAP D . 12.68 38.16 -26.85
C3B NAP D . 14.34 39.82 -26.50
O3B NAP D . 15.69 40.16 -26.84
C2B NAP D . 13.25 40.38 -27.40
O2B NAP D . 13.46 40.05 -28.79
C1B NAP D . 12.09 39.43 -27.13
N9A NAP D . 11.23 39.90 -26.03
C8A NAP D . 11.26 39.50 -24.74
N7A NAP D . 10.32 40.13 -24.00
C5A NAP D . 9.66 40.99 -24.81
C6A NAP D . 8.57 41.98 -24.69
N6A NAP D . 7.91 42.24 -23.54
N1A NAP D . 8.23 42.64 -25.81
C2A NAP D . 8.85 42.44 -26.98
N3A NAP D . 9.86 41.58 -27.18
C4A NAP D . 10.29 40.83 -26.14
O3 NAP D . 16.16 35.09 -24.32
PN NAP D . 17.06 34.75 -23.02
O1N NAP D . 18.51 35.00 -23.41
O2N NAP D . 16.45 35.47 -21.82
O5D NAP D . 16.89 33.15 -22.89
C5D NAP D . 17.27 32.22 -23.91
C4D NAP D . 18.07 31.07 -23.29
O4D NAP D . 17.23 30.25 -22.47
C3D NAP D . 18.66 30.12 -24.32
O3D NAP D . 19.90 29.65 -23.78
C2D NAP D . 17.64 28.98 -24.41
O2D NAP D . 18.28 27.78 -24.84
C1D NAP D . 17.17 28.88 -22.97
N1N NAP D . 15.83 28.37 -22.64
C2N NAP D . 15.78 27.50 -21.61
C3N NAP D . 14.59 26.98 -21.12
C7N NAP D . 14.62 25.96 -19.97
O7N NAP D . 13.60 25.71 -19.34
N7N NAP D . 15.78 25.38 -19.67
C4N NAP D . 13.38 27.40 -21.70
C5N NAP D . 13.46 28.34 -22.74
C6N NAP D . 14.70 28.84 -23.18
P2B NAP D . 14.24 40.95 -29.86
O1X NAP D . 15.69 40.78 -29.47
O2X NAP D . 13.91 40.31 -31.17
O3X NAP D . 13.64 42.31 -29.60
N1 UMP E . 18.04 0.11 15.24
C2 UMP E . 17.73 0.50 13.89
N3 UMP E . 18.56 0.19 12.90
C4 UMP E . 19.71 -0.46 13.14
C5 UMP E . 20.08 -0.85 14.45
C6 UMP E . 19.20 -0.54 15.50
O2 UMP E . 16.71 1.16 13.56
O4 UMP E . 20.44 -0.74 12.17
C1' UMP E . 17.20 0.48 16.39
C2' UMP E . 15.81 -0.14 16.51
C3' UMP E . 15.60 0.00 18.02
C4' UMP E . 17.00 -0.22 18.63
O3' UMP E . 15.18 1.32 18.36
O4' UMP E . 17.89 0.21 17.61
C5' UMP E . 17.26 -1.71 18.94
O5' UMP E . 16.46 -2.05 20.08
P UMP E . 15.76 -3.43 20.27
OP1 UMP E . 15.13 -3.49 21.63
OP2 UMP E . 14.64 -3.26 19.27
OP3 UMP E . 16.89 -4.40 19.95
C2 9QO F . -33.11 2.91 17.14
C4 9QO F . -34.00 0.71 17.03
C5 9QO F . -34.79 1.07 15.92
C6 9QO F . -34.68 2.38 15.41
C9 9QO F . -35.50 2.84 14.22
C10 9QO F . -34.68 3.39 13.07
C12 9QO F . -36.42 -0.85 16.05
C14 9QO F . -37.19 -1.95 14.04
C16 9QO F . -35.64 -0.11 13.89
C18 9QO F . -37.19 -0.35 11.02
C20 9QO F . -35.42 -0.77 9.34
C11 9QO F . -35.66 0.02 15.28
C13 9QO F . -37.18 -1.84 15.44
C15 9QO F . -36.43 -1.07 13.26
N1 9QO F . -33.85 3.27 16.05
C19 9QO F . -36.91 -0.81 9.60
C25 9QO F . -31.27 -2.20 7.02
C23 9QO F . -32.54 -2.38 9.01
C27 9QO F . -33.60 -1.90 6.93
C22 9QO F . -33.71 -2.11 8.30
N3 9QO F . -33.19 1.63 17.61
C30 9QO F . -32.54 -2.64 10.50
N29 9QO F . -30.06 -2.25 6.41
N24 9QO F . -31.35 -2.41 8.35
C31 9QO F . -32.24 -4.11 10.79
N26 9QO F . -32.39 -1.94 6.32
N28 9QO F . -34.69 -1.62 6.18
O21 9QO F . -34.94 -2.05 8.92
O17 9QO F . -36.42 -1.19 11.89
N8 9QO F . -34.03 -0.55 17.56
N7 9QO F . -32.28 3.81 17.76
PA NAP G . -44.84 -4.95 5.67
O1A NAP G . -44.57 -5.03 4.18
O2A NAP G . -43.98 -4.15 6.62
O5B NAP G . -46.34 -4.37 5.85
C5B NAP G . -47.38 -4.92 5.06
C4B NAP G . -48.57 -4.00 5.12
O4B NAP G . -48.34 -2.85 4.30
C3B NAP G . -49.83 -4.68 4.59
O3B NAP G . -50.53 -5.44 5.58
C2B NAP G . -50.63 -3.51 4.05
O2B NAP G . -51.44 -2.88 5.07
C1B NAP G . -49.54 -2.54 3.58
N9A NAP G . -49.38 -2.76 2.12
C8A NAP G . -48.71 -3.76 1.52
N7A NAP G . -48.82 -3.67 0.16
C5A NAP G . -49.58 -2.60 -0.12
C6A NAP G . -50.11 -1.92 -1.33
N6A NAP G . -49.82 -2.39 -2.57
N1A NAP G . -50.89 -0.83 -1.15
C2A NAP G . -51.19 -0.35 0.07
N3A NAP G . -50.75 -0.91 1.21
C4A NAP G . -49.97 -2.01 1.19
O3 NAP G . -45.04 -6.44 6.27
PN NAP G . -44.34 -7.79 5.73
O1N NAP G . -45.13 -8.95 6.29
O2N NAP G . -44.11 -7.76 4.23
O5D NAP G . -42.91 -7.73 6.47
C5D NAP G . -42.80 -7.23 7.81
C4D NAP G . -41.64 -7.91 8.54
O4D NAP G . -40.39 -7.53 7.94
C3D NAP G . -41.59 -7.50 10.00
O3D NAP G . -41.39 -8.67 10.81
C2D NAP G . -40.39 -6.59 10.12
O2D NAP G . -39.69 -6.78 11.37
C1D NAP G . -39.52 -6.99 8.94
N1N NAP G . -38.70 -5.90 8.40
C2N NAP G . -37.46 -6.22 8.04
C3N NAP G . -36.57 -5.28 7.51
C7N NAP G . -35.20 -5.74 7.14
O7N NAP G . -34.70 -5.37 6.09
N7N NAP G . -34.55 -6.57 7.96
C4N NAP G . -37.00 -3.96 7.36
C5N NAP G . -38.29 -3.64 7.75
C6N NAP G . -39.14 -4.63 8.27
P2B NAP G . -53.05 -2.79 5.05
O1X NAP G . -53.46 -3.37 6.38
O2X NAP G . -53.29 -1.30 4.96
O3X NAP G . -53.51 -3.57 3.82
N1 UMP H . 4.26 -23.37 -0.52
C2 UMP H . 3.30 -22.43 -0.03
N3 UMP H . 2.91 -22.57 1.26
C4 UMP H . 3.33 -23.56 2.06
C5 UMP H . 4.25 -24.49 1.58
C6 UMP H . 4.66 -24.38 0.26
O2 UMP H . 2.84 -21.47 -0.70
O4 UMP H . 2.92 -23.68 3.25
C1' UMP H . 4.79 -23.39 -1.91
C2' UMP H . 5.63 -22.20 -2.36
C3' UMP H . 6.38 -22.81 -3.55
C4' UMP H . 6.69 -24.22 -3.05
O3' UMP H . 5.54 -22.84 -4.74
O4' UMP H . 5.65 -24.52 -2.14
C5' UMP H . 8.02 -24.36 -2.31
O5' UMP H . 9.09 -24.35 -3.27
P UMP H . 10.46 -23.62 -3.07
OP1 UMP H . 11.36 -24.00 -4.19
OP2 UMP H . 10.05 -22.19 -3.16
OP3 UMP H . 10.92 -24.18 -1.76
#